data_8YYP
#
_entry.id   8YYP
#
_cell.length_a   84.453
_cell.length_b   84.453
_cell.length_c   133.377
_cell.angle_alpha   90.00
_cell.angle_beta   90.00
_cell.angle_gamma   90.00
#
_symmetry.space_group_name_H-M   'P 43'
#
loop_
_entity.id
_entity.type
_entity.pdbx_description
1 polymer PtmB
2 non-polymer ADENINE
3 non-polymer 'PROTOPORPHYRIN IX CONTAINING FE'
4 non-polymer (3S,6S)-3,6-bis[(1H-indol-3-yl)methyl]piperazine-2,5-dione
5 water water
#
_entity_poly.entity_id   1
_entity_poly.type   'polypeptide(L)'
_entity_poly.pdbx_seq_one_letter_code
;MTTTAQRDPVLPGTAHHPPLPDFPLSRRGDILPAEAERLRAEQPVARVRTMTGDEAWLVSSYELAKQVLEDDRFSLKDTA
NPGVPRQYALTIPPEVVNNMGNINSAGLRNAVMKTLSPQADRELGGWLEAQAHQLLDRLIEQGPPADLRDGFTEPYSAAL
HCRLLGIPTDDWRRLMSGIDVAFITSPRTFEGSAVNWYKDLGYMVDRLNADPEPTEGLLGRFAELRRSPDVSDQVSDELL
ATVALSLFGAGAVSTSAFLQHAIIALAQQPELADRLRAEPAVIGRAVDELLRYNLSIGDALPRIALADVRLGEVEIRAGE
LVLVLIEGANYDPAVFPHPERIDFDRESNPHLAFGGGQHFCPASALGRTHAEIALTALVEKLPALRLALPVEQLAWRPGF
IKRLPERLPVLW
;
_entity_poly.pdbx_strand_id   A,B
#
# COMPACT_ATOMS: atom_id res chain seq x y z
N PRO A 19 19.56 -18.11 -21.53
CA PRO A 19 18.67 -17.29 -20.70
C PRO A 19 19.23 -16.95 -19.30
N LEU A 20 19.53 -15.67 -19.04
CA LEU A 20 20.15 -15.19 -17.77
C LEU A 20 19.14 -15.19 -16.63
N PRO A 21 19.53 -15.56 -15.38
CA PRO A 21 18.69 -15.32 -14.21
C PRO A 21 18.27 -13.84 -14.06
N ASP A 22 17.03 -13.61 -13.65
CA ASP A 22 16.46 -12.23 -13.56
C ASP A 22 16.82 -11.57 -12.24
N PHE A 23 17.00 -10.28 -12.30
CA PHE A 23 17.33 -9.47 -11.12
C PHE A 23 16.46 -8.22 -11.26
N PRO A 24 15.87 -7.66 -10.18
CA PRO A 24 16.06 -8.15 -8.81
C PRO A 24 15.35 -9.50 -8.58
N LEU A 25 15.45 -9.98 -7.34
CA LEU A 25 14.79 -11.25 -6.97
C LEU A 25 13.45 -10.94 -6.28
N SER A 26 12.82 -11.94 -5.68
CA SER A 26 11.49 -11.78 -5.05
C SER A 26 11.37 -10.52 -4.19
N ARG A 27 10.22 -9.85 -4.26
CA ARG A 27 9.98 -8.70 -3.34
C ARG A 27 9.54 -9.29 -1.99
N ARG A 28 9.33 -10.61 -1.95
CA ARG A 28 8.94 -11.29 -0.68
C ARG A 28 10.10 -11.18 0.29
N GLY A 29 9.84 -10.63 1.47
CA GLY A 29 10.90 -10.27 2.43
C GLY A 29 10.82 -11.06 3.71
N ASP A 30 9.99 -12.09 3.81
CA ASP A 30 9.90 -12.84 5.10
C ASP A 30 10.84 -14.05 5.06
N ILE A 31 11.19 -14.59 3.86
CA ILE A 31 12.19 -15.72 3.68
C ILE A 31 13.23 -15.34 2.67
N LEU A 32 14.40 -15.94 2.81
CA LEU A 32 15.48 -15.82 1.82
C LEU A 32 14.98 -16.38 0.50
N PRO A 33 15.07 -15.67 -0.63
CA PRO A 33 14.63 -16.22 -1.91
C PRO A 33 15.49 -17.43 -2.27
N ALA A 34 14.83 -18.54 -2.57
CA ALA A 34 15.45 -19.82 -2.96
C ALA A 34 16.52 -19.52 -4.00
N GLU A 35 16.22 -18.63 -4.94
CA GLU A 35 17.13 -18.23 -6.05
C GLU A 35 18.46 -17.74 -5.47
N ALA A 36 18.47 -16.92 -4.41
CA ALA A 36 19.70 -16.39 -3.77
C ALA A 36 20.54 -17.54 -3.25
N GLU A 37 19.90 -18.60 -2.77
CA GLU A 37 20.59 -19.82 -2.29
C GLU A 37 21.21 -20.55 -3.49
N ARG A 38 20.46 -20.71 -4.58
CA ARG A 38 20.95 -21.48 -5.76
C ARG A 38 22.13 -20.72 -6.37
N LEU A 39 22.02 -19.39 -6.47
CA LEU A 39 23.06 -18.48 -7.02
C LEU A 39 24.32 -18.54 -6.14
N ARG A 40 24.18 -18.37 -4.82
CA ARG A 40 25.38 -18.45 -3.93
C ARG A 40 26.03 -19.83 -4.06
N ALA A 41 25.25 -20.88 -4.26
CA ALA A 41 25.80 -22.26 -4.27
C ALA A 41 26.54 -22.50 -5.58
N GLU A 42 25.93 -22.21 -6.73
CA GLU A 42 26.33 -22.74 -8.05
C GLU A 42 27.11 -21.72 -8.87
N GLN A 43 26.85 -20.42 -8.71
CA GLN A 43 27.62 -19.38 -9.41
C GLN A 43 27.62 -18.11 -8.57
N PRO A 44 28.49 -18.04 -7.52
CA PRO A 44 28.45 -16.94 -6.55
C PRO A 44 28.90 -15.59 -7.15
N VAL A 45 29.48 -15.63 -8.34
CA VAL A 45 29.54 -14.46 -9.28
C VAL A 45 28.69 -14.83 -10.50
N ALA A 46 27.52 -14.21 -10.70
CA ALA A 46 26.54 -14.61 -11.75
C ALA A 46 26.20 -13.44 -12.68
N ARG A 47 26.16 -13.72 -13.97
CA ARG A 47 25.75 -12.75 -15.02
C ARG A 47 24.22 -12.68 -14.94
N VAL A 48 23.65 -11.50 -14.70
CA VAL A 48 22.17 -11.30 -14.58
C VAL A 48 21.74 -10.18 -15.53
N ARG A 49 20.47 -10.19 -15.92
CA ARG A 49 19.81 -9.04 -16.60
C ARG A 49 19.07 -8.22 -15.56
N THR A 50 19.45 -6.96 -15.38
CA THR A 50 18.71 -6.01 -14.50
C THR A 50 17.40 -5.58 -15.18
N MET A 51 16.61 -4.77 -14.47
CA MET A 51 15.23 -4.43 -14.93
C MET A 51 15.38 -3.39 -16.04
N THR A 52 16.58 -2.81 -16.22
CA THR A 52 16.86 -1.88 -17.35
C THR A 52 17.25 -2.70 -18.59
N GLY A 53 17.49 -4.01 -18.47
CA GLY A 53 17.90 -4.85 -19.62
C GLY A 53 19.42 -4.86 -19.81
N ASP A 54 20.12 -3.94 -19.15
CA ASP A 54 21.59 -3.98 -18.93
C ASP A 54 21.99 -5.31 -18.27
N GLU A 55 23.26 -5.68 -18.38
CA GLU A 55 23.80 -6.88 -17.68
C GLU A 55 24.67 -6.41 -16.54
N ALA A 56 24.87 -7.29 -15.56
CA ALA A 56 25.71 -7.04 -14.38
C ALA A 56 26.17 -8.37 -13.83
N TRP A 57 27.17 -8.30 -12.96
CA TRP A 57 27.70 -9.44 -12.20
C TRP A 57 27.04 -9.38 -10.81
N LEU A 58 26.24 -10.39 -10.47
CA LEU A 58 25.60 -10.49 -9.14
C LEU A 58 26.50 -11.36 -8.28
N VAL A 59 26.97 -10.80 -7.17
CA VAL A 59 27.93 -11.45 -6.24
C VAL A 59 27.20 -11.82 -4.96
N SER A 60 27.08 -13.11 -4.65
CA SER A 60 26.09 -13.62 -3.65
C SER A 60 26.74 -14.41 -2.50
N SER A 61 28.05 -14.67 -2.55
CA SER A 61 28.82 -15.26 -1.43
C SER A 61 29.46 -14.12 -0.64
N TYR A 62 29.74 -14.39 0.62
CA TYR A 62 30.30 -13.46 1.62
C TYR A 62 31.75 -13.15 1.27
N GLU A 63 32.55 -14.16 0.93
CA GLU A 63 33.97 -13.97 0.58
C GLU A 63 34.07 -12.93 -0.53
N LEU A 64 33.31 -13.14 -1.60
CA LEU A 64 33.39 -12.25 -2.78
C LEU A 64 32.61 -10.96 -2.53
N ALA A 65 31.50 -11.01 -1.80
CA ALA A 65 30.77 -9.77 -1.44
C ALA A 65 31.72 -8.87 -0.64
N LYS A 66 32.26 -9.38 0.47
CA LYS A 66 33.25 -8.67 1.31
C LYS A 66 34.40 -8.12 0.45
N GLN A 67 34.91 -8.92 -0.49
CA GLN A 67 36.05 -8.53 -1.39
C GLN A 67 35.70 -7.31 -2.24
N VAL A 68 34.50 -7.26 -2.82
CA VAL A 68 34.05 -6.14 -3.71
C VAL A 68 33.91 -4.87 -2.89
N LEU A 69 33.38 -4.97 -1.67
CA LEU A 69 33.07 -3.78 -0.83
C LEU A 69 34.38 -3.16 -0.32
N GLU A 70 35.44 -3.97 -0.15
CA GLU A 70 36.68 -3.56 0.54
C GLU A 70 37.77 -3.21 -0.47
N ASP A 71 37.53 -3.47 -1.75
CA ASP A 71 38.46 -3.22 -2.88
C ASP A 71 38.01 -1.94 -3.61
N ASP A 72 38.92 -0.98 -3.82
CA ASP A 72 38.60 0.35 -4.38
C ASP A 72 38.78 0.35 -5.92
N ARG A 73 39.03 -0.81 -6.54
CA ARG A 73 38.83 -1.00 -8.00
C ARG A 73 37.35 -1.20 -8.36
N PHE A 74 36.42 -1.14 -7.40
CA PHE A 74 34.95 -1.15 -7.62
C PHE A 74 34.41 0.16 -7.04
N SER A 75 33.88 1.07 -7.89
CA SER A 75 33.39 2.41 -7.45
C SER A 75 31.86 2.49 -7.37
N LEU A 76 31.37 3.27 -6.41
CA LEU A 76 29.92 3.54 -6.27
C LEU A 76 29.65 4.89 -6.93
N LYS A 77 30.58 5.82 -6.81
CA LYS A 77 30.39 7.17 -7.39
C LYS A 77 30.18 7.04 -8.90
N ASP A 78 30.91 6.13 -9.53
CA ASP A 78 30.85 6.00 -11.00
C ASP A 78 29.53 5.34 -11.41
N THR A 79 28.79 4.78 -10.45
CA THR A 79 27.54 4.05 -10.84
C THR A 79 26.59 5.05 -11.49
N ALA A 80 26.68 6.32 -11.07
CA ALA A 80 25.79 7.45 -11.46
C ALA A 80 26.28 8.12 -12.76
N ASN A 81 27.42 7.67 -13.26
CA ASN A 81 28.02 8.30 -14.47
C ASN A 81 27.16 7.98 -15.69
N PRO A 82 27.12 8.86 -16.72
CA PRO A 82 26.37 8.55 -17.92
C PRO A 82 27.01 7.47 -18.77
N GLY A 83 26.17 6.61 -19.32
CA GLY A 83 26.66 5.57 -20.25
C GLY A 83 26.89 4.25 -19.58
N VAL A 84 27.03 4.24 -18.27
CA VAL A 84 27.36 2.96 -17.56
C VAL A 84 26.11 2.10 -17.45
N PRO A 85 26.25 0.76 -17.38
CA PRO A 85 25.10 -0.11 -17.12
C PRO A 85 24.53 0.19 -15.73
N ARG A 86 23.20 0.07 -15.62
CA ARG A 86 22.37 0.49 -14.47
C ARG A 86 21.53 -0.69 -14.03
N GLN A 87 21.28 -0.87 -12.73
CA GLN A 87 20.27 -1.86 -12.27
C GLN A 87 18.89 -1.21 -12.31
N TYR A 88 18.84 0.12 -12.31
CA TYR A 88 17.61 0.93 -12.50
C TYR A 88 18.02 2.39 -12.71
N ALA A 89 17.04 3.19 -13.12
CA ALA A 89 17.19 4.61 -13.49
C ALA A 89 17.54 5.39 -12.24
N LEU A 90 18.37 6.41 -12.40
CA LEU A 90 18.58 7.46 -11.37
C LEU A 90 17.25 8.16 -11.09
N THR A 91 17.05 8.58 -9.84
CA THR A 91 15.88 9.38 -9.37
C THR A 91 16.33 10.73 -8.82
N ILE A 92 17.62 10.80 -8.44
CA ILE A 92 18.18 12.00 -7.80
C ILE A 92 19.25 12.57 -8.73
N PRO A 93 19.80 13.78 -8.48
CA PRO A 93 20.87 14.32 -9.30
C PRO A 93 22.13 13.49 -9.20
N PRO A 94 22.92 13.41 -10.28
CA PRO A 94 24.10 12.55 -10.28
C PRO A 94 25.14 12.89 -9.23
N GLU A 95 25.16 14.13 -8.74
CA GLU A 95 26.22 14.55 -7.79
C GLU A 95 25.84 14.13 -6.36
N VAL A 96 24.92 13.19 -6.21
CA VAL A 96 24.43 12.81 -4.84
C VAL A 96 24.63 11.31 -4.56
N VAL A 97 24.74 10.44 -5.57
CA VAL A 97 25.14 9.01 -5.35
C VAL A 97 26.59 8.98 -4.81
N SER A 105 34.51 16.59 0.81
CA SER A 105 35.25 17.58 -0.04
C SER A 105 35.03 19.03 0.43
N ALA A 106 33.93 19.32 1.15
CA ALA A 106 33.42 20.69 1.37
C ALA A 106 33.59 21.14 2.84
N GLY A 107 34.32 20.40 3.68
CA GLY A 107 34.43 20.68 5.13
C GLY A 107 33.07 20.74 5.83
N LEU A 108 32.09 19.99 5.31
CA LEU A 108 30.77 19.70 5.94
C LEU A 108 30.92 18.45 6.80
N ARG A 109 31.93 17.62 6.50
CA ARG A 109 32.08 16.26 7.09
C ARG A 109 31.92 16.35 8.60
N ASN A 110 32.29 17.48 9.20
CA ASN A 110 32.20 17.67 10.66
C ASN A 110 30.72 17.91 11.06
N ALA A 111 29.98 18.76 10.35
CA ALA A 111 28.55 19.07 10.61
C ALA A 111 27.71 17.79 10.45
N VAL A 112 27.95 17.03 9.37
CA VAL A 112 27.21 15.79 9.02
C VAL A 112 27.57 14.70 10.02
N MET A 113 28.86 14.44 10.24
CA MET A 113 29.32 13.31 11.12
C MET A 113 28.92 13.61 12.57
N LYS A 114 28.91 14.88 12.98
CA LYS A 114 28.46 15.30 14.34
C LYS A 114 26.96 15.02 14.47
N THR A 115 26.18 15.15 13.40
CA THR A 115 24.72 14.91 13.44
C THR A 115 24.45 13.40 13.55
N LEU A 116 25.16 12.57 12.77
CA LEU A 116 25.02 11.08 12.72
C LEU A 116 25.62 10.38 13.97
N SER A 117 26.06 11.17 14.94
CA SER A 117 26.58 10.63 16.22
C SER A 117 25.49 10.72 17.27
N PRO A 118 24.86 9.59 17.71
CA PRO A 118 23.79 9.61 18.69
C PRO A 118 24.26 10.31 19.94
N GLN A 119 25.57 10.48 20.08
CA GLN A 119 26.14 11.09 21.29
C GLN A 119 26.42 12.58 21.03
N ALA A 120 25.57 13.23 20.25
CA ALA A 120 25.68 14.68 20.01
C ALA A 120 24.25 15.23 20.07
N ASP A 121 23.29 14.35 20.36
CA ASP A 121 21.87 14.75 20.51
C ASP A 121 21.45 14.31 21.91
N ARG A 122 22.27 13.49 22.56
CA ARG A 122 22.02 13.09 23.97
C ARG A 122 20.55 12.71 24.21
N GLU A 123 19.68 13.70 24.42
CA GLU A 123 18.26 13.42 24.75
C GLU A 123 17.62 12.51 23.68
N LEU A 124 18.25 12.33 22.52
CA LEU A 124 17.69 11.46 21.45
C LEU A 124 17.12 10.17 22.04
N GLY A 125 17.94 9.41 22.75
CA GLY A 125 17.50 8.17 23.40
C GLY A 125 16.15 8.28 24.10
N GLY A 126 16.05 9.12 25.13
CA GLY A 126 14.80 9.39 25.88
C GLY A 126 13.71 10.03 25.02
N TRP A 127 14.05 10.76 23.97
CA TRP A 127 13.08 11.42 23.04
C TRP A 127 12.45 10.36 22.11
N LEU A 128 13.29 9.63 21.36
CA LEU A 128 12.85 8.48 20.49
C LEU A 128 12.03 7.51 21.32
N GLU A 129 12.37 7.34 22.60
CA GLU A 129 11.64 6.40 23.48
C GLU A 129 10.26 7.01 23.81
N ALA A 130 10.16 8.31 24.02
CA ALA A 130 8.88 9.01 24.23
C ALA A 130 8.04 8.88 22.95
N GLN A 131 8.66 8.99 21.77
CA GLN A 131 8.02 8.89 20.44
C GLN A 131 7.39 7.49 20.29
N ALA A 132 8.20 6.44 20.50
CA ALA A 132 7.79 5.04 20.29
C ALA A 132 6.57 4.76 21.17
N HIS A 133 6.69 5.11 22.44
CA HIS A 133 5.64 4.95 23.48
C HIS A 133 4.40 5.75 23.08
N GLN A 134 4.52 7.01 22.63
CA GLN A 134 3.33 7.82 22.24
C GLN A 134 2.64 7.15 21.04
N LEU A 135 3.37 6.85 19.98
CA LEU A 135 2.81 6.11 18.80
C LEU A 135 2.12 4.80 19.23
N LEU A 136 2.78 4.00 20.07
CA LEU A 136 2.19 2.73 20.57
C LEU A 136 0.96 3.00 21.47
N ASP A 137 1.03 3.96 22.39
CA ASP A 137 -0.11 4.33 23.30
C ASP A 137 -1.34 4.69 22.46
N ARG A 138 -1.16 5.41 21.35
CA ARG A 138 -2.24 5.70 20.38
C ARG A 138 -2.88 4.38 19.90
N LEU A 139 -2.10 3.40 19.41
CA LEU A 139 -2.69 2.16 18.82
C LEU A 139 -3.36 1.33 19.91
N ILE A 140 -2.79 1.28 21.12
CA ILE A 140 -3.38 0.56 22.29
C ILE A 140 -4.77 1.15 22.60
N GLU A 141 -4.99 2.45 22.44
CA GLU A 141 -6.29 3.10 22.71
C GLU A 141 -7.34 2.69 21.68
N GLN A 142 -6.96 2.62 20.41
CA GLN A 142 -7.89 2.19 19.33
C GLN A 142 -8.20 0.70 19.50
N GLY A 143 -7.22 -0.04 20.00
CA GLY A 143 -7.27 -1.50 20.11
C GLY A 143 -6.93 -2.16 18.77
N PRO A 144 -6.53 -3.43 18.81
CA PRO A 144 -6.09 -4.12 17.60
C PRO A 144 -7.26 -4.45 16.68
N PRO A 145 -7.01 -4.72 15.38
CA PRO A 145 -5.67 -4.60 14.79
C PRO A 145 -5.20 -3.18 14.44
N ALA A 146 -3.89 -3.01 14.28
CA ALA A 146 -3.29 -1.75 13.76
C ALA A 146 -2.26 -2.11 12.69
N ASP A 147 -1.95 -1.15 11.82
CA ASP A 147 -0.88 -1.32 10.81
C ASP A 147 0.36 -0.67 11.43
N LEU A 148 1.33 -1.51 11.82
CA LEU A 148 2.55 -1.03 12.48
C LEU A 148 3.44 -0.30 11.46
N ARG A 149 3.15 -0.32 10.17
CA ARG A 149 3.97 0.51 9.24
C ARG A 149 3.56 1.99 9.40
N ASP A 150 2.30 2.33 9.09
CA ASP A 150 1.81 3.74 9.13
C ASP A 150 1.61 4.23 10.57
N GLY A 151 1.42 3.32 11.51
CA GLY A 151 1.16 3.70 12.91
C GLY A 151 2.41 3.69 13.77
N PHE A 152 3.52 3.15 13.26
CA PHE A 152 4.73 3.05 14.09
C PHE A 152 6.05 3.33 13.36
N THR A 153 6.41 2.53 12.36
CA THR A 153 7.74 2.64 11.72
C THR A 153 7.83 3.96 10.96
N GLU A 154 6.81 4.32 10.21
CA GLU A 154 6.86 5.56 9.38
C GLU A 154 6.80 6.81 10.25
N PRO A 155 5.83 7.01 11.18
CA PRO A 155 5.85 8.21 12.02
C PRO A 155 7.16 8.25 12.81
N TYR A 156 7.61 7.10 13.34
CA TYR A 156 8.79 6.97 14.24
C TYR A 156 10.06 7.30 13.44
N SER A 157 10.26 6.66 12.29
CA SER A 157 11.48 6.88 11.47
C SER A 157 11.54 8.34 11.01
N ALA A 158 10.39 8.93 10.65
CA ALA A 158 10.28 10.32 10.18
C ALA A 158 10.64 11.23 11.34
N ALA A 159 10.07 10.97 12.50
CA ALA A 159 10.36 11.72 13.73
C ALA A 159 11.88 11.77 13.91
N LEU A 160 12.58 10.64 13.94
CA LEU A 160 14.05 10.65 14.12
C LEU A 160 14.66 11.69 13.19
N HIS A 161 14.45 11.53 11.88
CA HIS A 161 15.13 12.31 10.82
C HIS A 161 14.68 13.79 10.79
N CYS A 162 13.52 14.12 11.33
CA CYS A 162 13.09 15.52 11.49
C CYS A 162 13.92 16.14 12.64
N ARG A 163 14.09 15.42 13.74
CA ARG A 163 14.95 15.88 14.85
C ARG A 163 16.40 16.03 14.39
N LEU A 164 16.96 15.04 13.70
CA LEU A 164 18.30 15.12 13.04
C LEU A 164 18.45 16.44 12.27
N LEU A 165 17.43 16.89 11.53
CA LEU A 165 17.57 18.06 10.62
C LEU A 165 17.21 19.34 11.39
N GLY A 166 16.77 19.22 12.64
CA GLY A 166 16.22 20.34 13.42
C GLY A 166 15.03 20.94 12.70
N ILE A 167 14.03 20.13 12.38
CA ILE A 167 12.79 20.61 11.72
C ILE A 167 11.61 19.96 12.42
N PRO A 168 10.42 20.61 12.42
CA PRO A 168 9.25 20.05 13.09
C PRO A 168 8.86 18.75 12.40
N THR A 169 8.05 17.93 13.05
CA THR A 169 7.62 16.61 12.53
C THR A 169 6.24 16.72 11.86
N ASP A 170 5.59 17.90 11.86
CA ASP A 170 4.17 18.07 11.42
C ASP A 170 3.94 17.63 9.96
N ASP A 171 4.94 17.65 9.06
CA ASP A 171 4.74 17.31 7.63
C ASP A 171 5.32 15.93 7.33
N TRP A 172 5.28 15.00 8.29
CA TRP A 172 5.91 13.66 8.15
C TRP A 172 5.24 12.85 7.03
N ARG A 173 3.91 12.88 6.94
CA ARG A 173 3.17 12.12 5.89
C ARG A 173 3.66 12.55 4.51
N ARG A 174 3.77 13.87 4.29
CA ARG A 174 4.24 14.46 3.00
C ARG A 174 5.67 14.00 2.75
N LEU A 175 6.52 14.09 3.76
CA LEU A 175 7.97 13.82 3.60
C LEU A 175 8.17 12.36 3.24
N MET A 176 7.48 11.44 3.92
CA MET A 176 7.52 9.97 3.68
C MET A 176 6.87 9.62 2.33
N SER A 177 5.83 10.33 1.93
CA SER A 177 5.33 10.26 0.54
C SER A 177 6.45 10.62 -0.46
N GLY A 178 7.26 11.63 -0.20
CA GLY A 178 8.38 11.97 -1.11
C GLY A 178 9.28 10.76 -1.29
N ILE A 179 9.51 10.04 -0.20
CA ILE A 179 10.34 8.80 -0.21
C ILE A 179 9.67 7.70 -1.06
N ASP A 180 8.33 7.63 -1.06
CA ASP A 180 7.58 6.61 -1.84
C ASP A 180 7.93 6.79 -3.34
N VAL A 181 8.24 8.01 -3.81
CA VAL A 181 8.59 8.30 -5.24
C VAL A 181 10.12 8.24 -5.45
N ALA A 182 10.88 8.85 -4.53
CA ALA A 182 12.37 8.97 -4.61
C ALA A 182 13.02 7.60 -4.72
N PHE A 183 12.55 6.58 -4.01
CA PHE A 183 13.24 5.27 -3.94
C PHE A 183 12.55 4.18 -4.80
N ILE A 184 11.76 4.58 -5.80
CA ILE A 184 11.22 3.66 -6.84
C ILE A 184 12.36 3.12 -7.74
N THR A 185 12.37 1.81 -8.02
CA THR A 185 13.23 1.20 -9.06
C THR A 185 12.48 1.12 -10.39
N SER A 186 12.86 1.92 -11.39
CA SER A 186 12.27 2.00 -12.76
C SER A 186 13.25 1.60 -13.86
N PRO A 187 12.83 0.80 -14.87
CA PRO A 187 13.70 0.44 -15.99
C PRO A 187 14.23 1.66 -16.74
N ARG A 188 13.36 2.66 -16.96
CA ARG A 188 13.68 3.97 -17.60
C ARG A 188 13.31 5.10 -16.62
N THR A 189 13.85 6.28 -16.87
CA THR A 189 13.57 7.44 -16.02
C THR A 189 12.13 7.84 -16.20
N PHE A 190 11.59 8.48 -15.19
CA PHE A 190 10.17 8.92 -15.24
C PHE A 190 10.11 10.36 -14.79
N GLU A 191 9.16 11.11 -15.32
CA GLU A 191 8.94 12.49 -14.85
C GLU A 191 8.56 12.32 -13.39
N GLY A 192 8.56 13.38 -12.60
CA GLY A 192 8.17 13.09 -11.22
C GLY A 192 9.38 12.76 -10.39
N SER A 193 10.28 11.91 -10.86
CA SER A 193 11.55 11.70 -10.12
C SER A 193 12.21 13.07 -9.91
N ALA A 194 12.29 13.87 -10.96
CA ALA A 194 12.91 15.23 -10.87
C ALA A 194 11.94 16.16 -10.14
N VAL A 195 10.67 16.19 -10.54
CA VAL A 195 9.64 17.05 -9.88
C VAL A 195 9.65 16.74 -8.39
N ASN A 196 9.65 15.46 -8.02
CA ASN A 196 9.65 14.99 -6.62
C ASN A 196 10.92 15.54 -5.94
N TRP A 197 12.08 15.30 -6.55
CA TRP A 197 13.36 15.81 -6.00
C TRP A 197 13.24 17.30 -5.69
N TYR A 198 12.76 18.14 -6.63
CA TYR A 198 12.80 19.62 -6.48
C TYR A 198 11.74 20.06 -5.48
N LYS A 199 10.59 19.41 -5.48
CA LYS A 199 9.54 19.71 -4.47
C LYS A 199 10.16 19.67 -3.06
N ASP A 200 10.97 18.65 -2.74
CA ASP A 200 11.45 18.48 -1.32
C ASP A 200 12.76 19.24 -1.08
N LEU A 201 13.66 19.35 -2.07
CA LEU A 201 14.80 20.30 -2.01
C LEU A 201 14.26 21.68 -1.64
N GLY A 202 13.22 22.12 -2.34
CA GLY A 202 12.57 23.40 -2.05
C GLY A 202 12.13 23.44 -0.61
N TYR A 203 11.58 22.34 -0.13
CA TYR A 203 11.14 22.20 1.28
C TYR A 203 12.34 22.46 2.21
N MET A 204 13.47 21.81 1.96
CA MET A 204 14.66 21.93 2.83
C MET A 204 15.26 23.33 2.72
N VAL A 205 15.34 23.90 1.52
CA VAL A 205 15.84 25.29 1.29
C VAL A 205 15.06 26.28 2.15
N ASP A 206 13.76 26.10 2.32
CA ASP A 206 12.92 27.09 3.05
C ASP A 206 13.11 26.94 4.56
N ARG A 207 13.38 25.72 5.02
CA ARG A 207 13.62 25.48 6.47
C ARG A 207 15.02 26.02 6.76
N LEU A 208 15.95 25.84 5.83
CA LEU A 208 17.30 26.43 5.97
C LEU A 208 17.21 27.95 6.11
N ASN A 209 16.30 28.61 5.37
CA ASN A 209 16.28 30.10 5.20
C ASN A 209 15.12 30.68 6.00
N ALA A 210 14.58 29.94 6.95
CA ALA A 210 13.50 30.45 7.80
C ALA A 210 13.91 31.76 8.50
N ASP A 211 12.96 32.68 8.70
CA ASP A 211 13.26 33.99 9.33
C ASP A 211 13.91 33.72 10.68
N PRO A 212 13.23 33.09 11.66
CA PRO A 212 13.93 32.73 12.87
C PRO A 212 14.88 31.61 12.49
N GLU A 213 16.05 31.98 11.94
CA GLU A 213 17.07 30.97 11.56
C GLU A 213 17.02 29.67 12.37
N PRO A 214 17.11 28.48 11.72
CA PRO A 214 17.16 27.22 12.46
C PRO A 214 18.42 27.14 13.34
N THR A 215 18.18 26.73 14.57
CA THR A 215 19.26 26.45 15.50
C THR A 215 18.88 25.07 15.92
N GLU A 216 19.84 24.16 16.11
CA GLU A 216 19.54 22.74 16.43
C GLU A 216 19.38 21.94 15.13
N GLY A 217 20.05 20.79 15.04
CA GLY A 217 19.94 19.94 13.85
C GLY A 217 21.02 20.18 12.85
N LEU A 218 20.95 19.48 11.71
CA LEU A 218 21.94 19.66 10.64
C LEU A 218 21.74 21.06 10.06
N LEU A 219 20.48 21.46 9.91
CA LEU A 219 20.17 22.82 9.38
C LEU A 219 20.73 23.87 10.34
N GLY A 220 20.34 23.85 11.62
CA GLY A 220 20.98 24.67 12.68
C GLY A 220 22.49 24.81 12.50
N ARG A 221 23.21 23.69 12.42
CA ARG A 221 24.67 23.61 12.13
C ARG A 221 24.96 24.19 10.75
N PHE A 222 24.09 24.01 9.77
CA PHE A 222 24.42 24.50 8.40
C PHE A 222 24.32 26.00 8.40
N ALA A 223 23.36 26.55 9.13
CA ALA A 223 23.10 28.00 9.24
C ALA A 223 24.37 28.69 9.75
N GLU A 224 24.97 28.09 10.79
CA GLU A 224 26.16 28.61 11.51
C GLU A 224 27.40 28.41 10.62
N LEU A 225 27.33 27.52 9.62
CA LEU A 225 28.47 27.07 8.76
C LEU A 225 28.48 27.76 7.38
N ARG A 226 27.52 28.65 7.10
CA ARG A 226 27.61 29.57 5.93
C ARG A 226 27.75 31.01 6.45
N ARG A 227 27.77 31.23 7.77
CA ARG A 227 28.33 32.45 8.42
C ARG A 227 29.85 32.35 8.57
N SER A 228 30.46 31.16 8.65
CA SER A 228 31.93 31.00 8.82
C SER A 228 32.65 31.74 7.69
N VAL A 235 29.91 26.54 -0.94
CA VAL A 235 28.76 25.74 -0.42
C VAL A 235 27.46 26.52 -0.56
N SER A 236 26.69 26.26 -1.63
CA SER A 236 25.38 26.89 -1.90
C SER A 236 24.30 26.41 -0.91
N ASP A 237 23.16 27.09 -0.93
CA ASP A 237 21.88 26.63 -0.32
C ASP A 237 21.38 25.37 -1.04
N GLU A 238 21.59 25.28 -2.35
CA GLU A 238 21.32 24.07 -3.17
C GLU A 238 22.02 22.88 -2.51
N LEU A 239 23.34 22.96 -2.31
CA LEU A 239 24.14 21.82 -1.80
C LEU A 239 23.70 21.51 -0.36
N LEU A 240 23.38 22.52 0.45
CA LEU A 240 23.05 22.29 1.88
C LEU A 240 21.76 21.47 1.99
N ALA A 241 20.69 21.96 1.37
CA ALA A 241 19.38 21.27 1.32
C ALA A 241 19.54 19.90 0.63
N THR A 242 20.52 19.72 -0.25
CA THR A 242 20.75 18.46 -1.01
C THR A 242 21.27 17.39 -0.06
N VAL A 243 22.23 17.73 0.80
CA VAL A 243 22.75 16.79 1.84
C VAL A 243 21.60 16.47 2.79
N ALA A 244 20.90 17.51 3.26
CA ALA A 244 19.81 17.42 4.23
C ALA A 244 18.80 16.37 3.74
N LEU A 245 18.45 16.43 2.45
CA LEU A 245 17.31 15.69 1.83
C LEU A 245 17.76 14.24 1.56
N SER A 246 18.91 14.07 0.92
CA SER A 246 19.50 12.73 0.75
C SER A 246 19.66 12.06 2.12
N LEU A 247 20.10 12.79 3.14
CA LEU A 247 20.29 12.22 4.50
C LEU A 247 18.94 11.79 5.06
N PHE A 248 17.92 12.67 4.99
CA PHE A 248 16.56 12.38 5.47
C PHE A 248 16.02 11.18 4.69
N GLY A 249 16.26 11.18 3.38
CA GLY A 249 15.72 10.16 2.49
C GLY A 249 16.20 8.79 2.90
N ALA A 250 17.52 8.62 2.86
CA ALA A 250 18.23 7.33 2.99
C ALA A 250 17.98 6.73 4.39
N GLY A 251 17.91 7.58 5.40
CA GLY A 251 17.78 7.11 6.78
C GLY A 251 16.36 6.69 7.08
N ALA A 252 15.37 7.48 6.69
CA ALA A 252 13.95 7.21 7.00
C ALA A 252 13.54 5.95 6.24
N VAL A 253 13.90 5.85 4.99
CA VAL A 253 13.47 4.68 4.19
C VAL A 253 14.14 3.43 4.78
N SER A 254 15.42 3.52 5.17
CA SER A 254 16.23 2.39 5.67
C SER A 254 15.80 2.00 7.11
N THR A 255 15.54 2.95 7.98
CA THR A 255 15.21 2.59 9.38
C THR A 255 13.81 2.03 9.38
N SER A 256 12.87 2.65 8.67
CA SER A 256 11.45 2.21 8.62
C SER A 256 11.39 0.80 8.03
N ALA A 257 12.05 0.55 6.90
CA ALA A 257 11.99 -0.80 6.28
C ALA A 257 12.61 -1.81 7.24
N PHE A 258 13.79 -1.54 7.82
CA PHE A 258 14.44 -2.55 8.68
C PHE A 258 13.52 -2.86 9.86
N LEU A 259 12.89 -1.83 10.45
CA LEU A 259 12.08 -1.99 11.69
C LEU A 259 10.85 -2.86 11.39
N GLN A 260 10.27 -2.72 10.20
CA GLN A 260 9.18 -3.61 9.74
C GLN A 260 9.65 -5.08 9.69
N HIS A 261 10.85 -5.39 9.18
CA HIS A 261 11.40 -6.78 9.16
C HIS A 261 11.65 -7.29 10.59
N ALA A 262 12.29 -6.49 11.43
CA ALA A 262 12.50 -6.84 12.85
C ALA A 262 11.13 -7.09 13.49
N ILE A 263 10.11 -6.32 13.15
CA ILE A 263 8.77 -6.50 13.79
C ILE A 263 8.18 -7.85 13.34
N ILE A 264 8.27 -8.14 12.04
CA ILE A 264 7.82 -9.47 11.51
C ILE A 264 8.57 -10.58 12.28
N ALA A 265 9.90 -10.49 12.38
CA ALA A 265 10.73 -11.48 13.10
C ALA A 265 10.18 -11.70 14.52
N LEU A 266 9.86 -10.63 15.27
CA LEU A 266 9.37 -10.73 16.68
C LEU A 266 7.92 -11.23 16.74
N ALA A 267 7.09 -10.92 15.74
CA ALA A 267 5.71 -11.43 15.64
C ALA A 267 5.74 -12.94 15.39
N GLN A 268 6.43 -13.36 14.33
CA GLN A 268 6.46 -14.77 13.86
C GLN A 268 7.22 -15.64 14.87
N GLN A 269 8.12 -15.04 15.66
CA GLN A 269 9.00 -15.78 16.58
C GLN A 269 8.89 -15.15 17.95
N PRO A 270 7.72 -15.29 18.62
CA PRO A 270 7.46 -14.57 19.88
C PRO A 270 8.42 -14.94 21.01
N GLU A 271 9.16 -16.06 20.87
CA GLU A 271 10.22 -16.41 21.85
C GLU A 271 11.28 -15.29 21.91
N LEU A 272 11.51 -14.61 20.80
CA LEU A 272 12.52 -13.52 20.70
C LEU A 272 12.05 -12.36 21.55
N ALA A 273 10.75 -12.07 21.50
CA ALA A 273 10.12 -11.00 22.31
C ALA A 273 10.14 -11.40 23.77
N ASP A 274 9.92 -12.68 24.11
CA ASP A 274 10.02 -13.17 25.52
C ASP A 274 11.47 -12.97 26.01
N ARG A 275 12.47 -13.30 25.19
CA ARG A 275 13.91 -13.09 25.48
C ARG A 275 14.16 -11.61 25.81
N LEU A 276 13.60 -10.68 25.03
CA LEU A 276 13.95 -9.26 25.17
C LEU A 276 13.28 -8.71 26.43
N ARG A 277 12.09 -9.19 26.78
CA ARG A 277 11.45 -8.74 28.04
C ARG A 277 12.26 -9.26 29.24
N ALA A 278 12.69 -10.51 29.18
CA ALA A 278 13.45 -11.15 30.28
C ALA A 278 14.84 -10.54 30.44
N GLU A 279 15.42 -9.99 29.40
CA GLU A 279 16.87 -9.64 29.37
C GLU A 279 17.00 -8.44 28.45
N PRO A 280 16.52 -7.25 28.90
CA PRO A 280 16.47 -6.10 28.02
C PRO A 280 17.86 -5.68 27.51
N ALA A 281 18.95 -6.09 28.16
CA ALA A 281 20.33 -5.68 27.84
C ALA A 281 20.83 -6.41 26.60
N VAL A 282 20.11 -7.42 26.12
CA VAL A 282 20.60 -8.22 24.95
C VAL A 282 20.11 -7.62 23.64
N ILE A 283 19.38 -6.50 23.73
CA ILE A 283 18.75 -5.78 22.58
C ILE A 283 19.80 -5.39 21.53
N GLY A 284 21.02 -5.07 21.95
CA GLY A 284 22.13 -4.73 21.06
C GLY A 284 22.59 -5.90 20.23
N ARG A 285 22.85 -7.04 20.89
CA ARG A 285 23.17 -8.29 20.20
C ARG A 285 21.95 -8.68 19.35
N ALA A 286 20.75 -8.55 19.90
CA ALA A 286 19.53 -9.02 19.21
C ALA A 286 19.34 -8.22 17.90
N VAL A 287 19.46 -6.88 17.98
CA VAL A 287 19.18 -5.96 16.84
C VAL A 287 20.25 -6.24 15.79
N ASP A 288 21.45 -6.66 16.24
CA ASP A 288 22.63 -6.96 15.39
C ASP A 288 22.35 -8.22 14.57
N GLU A 289 21.73 -9.23 15.17
CA GLU A 289 21.33 -10.46 14.44
C GLU A 289 20.12 -10.17 13.55
N LEU A 290 19.18 -9.34 14.00
CA LEU A 290 18.01 -9.01 13.14
C LEU A 290 18.51 -8.27 11.90
N LEU A 291 19.60 -7.49 12.05
CA LEU A 291 20.29 -6.81 10.91
C LEU A 291 20.81 -7.87 9.91
N ARG A 292 21.62 -8.83 10.35
CA ARG A 292 22.13 -9.93 9.48
C ARG A 292 20.98 -10.59 8.70
N TYR A 293 19.82 -10.74 9.36
CA TYR A 293 18.72 -11.61 8.88
C TYR A 293 17.77 -10.85 7.94
N ASN A 294 17.72 -9.54 8.07
CA ASN A 294 16.62 -8.76 7.47
C ASN A 294 16.81 -8.63 5.96
N LEU A 295 15.70 -8.57 5.23
CA LEU A 295 15.68 -8.56 3.73
C LEU A 295 15.08 -7.26 3.22
N SER A 296 15.27 -6.19 4.00
CA SER A 296 14.89 -4.79 3.69
C SER A 296 15.57 -4.36 2.40
N ILE A 297 16.86 -4.60 2.23
CA ILE A 297 17.58 -4.24 0.97
C ILE A 297 17.01 -5.06 -0.20
N GLY A 298 16.28 -4.40 -1.11
CA GLY A 298 15.52 -4.99 -2.24
C GLY A 298 16.27 -4.95 -3.56
N ASP A 299 17.43 -4.29 -3.59
CA ASP A 299 18.38 -4.30 -4.74
C ASP A 299 19.70 -4.92 -4.28
N ALA A 300 20.79 -4.73 -5.04
CA ALA A 300 22.18 -5.08 -4.65
C ALA A 300 22.95 -3.77 -4.45
N LEU A 301 24.09 -3.76 -3.74
CA LEU A 301 24.95 -2.53 -3.62
C LEU A 301 25.77 -2.46 -4.89
N PRO A 302 25.65 -1.36 -5.67
CA PRO A 302 26.21 -1.31 -7.01
C PRO A 302 27.63 -0.72 -7.08
N ARG A 303 28.45 -1.34 -7.92
CA ARG A 303 29.82 -0.89 -8.24
C ARG A 303 30.07 -0.95 -9.75
N ILE A 304 30.79 0.03 -10.29
CA ILE A 304 31.45 -0.06 -11.63
C ILE A 304 32.91 -0.53 -11.40
N ALA A 305 33.29 -1.61 -12.08
CA ALA A 305 34.70 -2.07 -12.16
C ALA A 305 35.49 -0.96 -12.87
N LEU A 306 36.43 -0.34 -12.14
CA LEU A 306 37.40 0.64 -12.65
C LEU A 306 38.57 -0.07 -13.34
N ALA A 307 38.49 -1.37 -13.63
CA ALA A 307 39.62 -2.16 -14.16
C ALA A 307 39.20 -3.61 -14.34
N ASP A 308 39.94 -4.35 -15.16
CA ASP A 308 39.84 -5.83 -15.18
C ASP A 308 40.19 -6.33 -13.76
N VAL A 309 39.25 -7.07 -13.15
CA VAL A 309 39.39 -7.73 -11.83
C VAL A 309 38.85 -9.15 -11.95
N ARG A 310 39.61 -10.15 -11.51
CA ARG A 310 39.13 -11.54 -11.32
C ARG A 310 38.45 -11.61 -9.97
N LEU A 311 37.29 -12.26 -9.91
CA LEU A 311 36.46 -12.43 -8.68
C LEU A 311 35.93 -13.86 -8.72
N GLY A 312 36.29 -14.66 -7.71
CA GLY A 312 36.18 -16.11 -7.80
C GLY A 312 36.70 -16.55 -9.16
N GLU A 313 35.82 -17.12 -10.00
CA GLU A 313 36.17 -17.79 -11.27
C GLU A 313 35.76 -16.91 -12.47
N VAL A 314 35.46 -15.62 -12.24
CA VAL A 314 34.87 -14.73 -13.27
C VAL A 314 35.85 -13.59 -13.59
N GLU A 315 36.10 -13.37 -14.87
CA GLU A 315 36.87 -12.20 -15.34
C GLU A 315 35.90 -11.03 -15.53
N ILE A 316 35.81 -10.11 -14.58
CA ILE A 316 35.01 -8.86 -14.72
C ILE A 316 35.88 -7.84 -15.45
N ARG A 317 35.40 -7.34 -16.59
CA ARG A 317 36.06 -6.29 -17.41
C ARG A 317 35.76 -4.92 -16.79
N ALA A 318 36.67 -3.96 -16.98
CA ALA A 318 36.50 -2.54 -16.59
C ALA A 318 35.18 -1.97 -17.14
N GLY A 319 34.45 -1.23 -16.30
CA GLY A 319 33.23 -0.50 -16.71
C GLY A 319 31.94 -1.33 -16.67
N GLU A 320 32.07 -2.64 -16.42
CA GLU A 320 30.92 -3.54 -16.14
C GLU A 320 30.35 -3.26 -14.74
N LEU A 321 29.06 -3.56 -14.56
CA LEU A 321 28.31 -3.31 -13.31
C LEU A 321 28.45 -4.54 -12.43
N VAL A 322 28.86 -4.30 -11.19
CA VAL A 322 28.91 -5.37 -10.16
C VAL A 322 27.90 -5.03 -9.06
N LEU A 323 27.14 -6.05 -8.67
CA LEU A 323 25.97 -5.95 -7.76
C LEU A 323 26.17 -6.89 -6.58
N VAL A 324 26.25 -6.32 -5.39
CA VAL A 324 26.46 -7.12 -4.16
C VAL A 324 25.11 -7.48 -3.51
N LEU A 325 24.80 -8.76 -3.53
CA LEU A 325 23.63 -9.36 -2.88
C LEU A 325 23.95 -9.65 -1.41
N ILE A 326 23.60 -8.70 -0.56
CA ILE A 326 23.84 -8.71 0.90
C ILE A 326 23.17 -9.92 1.55
N GLU A 327 21.93 -10.21 1.17
CA GLU A 327 21.21 -11.36 1.79
C GLU A 327 21.93 -12.65 1.38
N GLY A 328 22.63 -12.63 0.24
CA GLY A 328 23.52 -13.72 -0.19
C GLY A 328 24.64 -13.93 0.83
N ALA A 329 25.42 -12.90 1.13
CA ALA A 329 26.54 -12.94 2.08
C ALA A 329 26.04 -13.21 3.52
N ASN A 330 24.95 -12.57 3.96
CA ASN A 330 24.47 -12.66 5.38
C ASN A 330 23.82 -14.03 5.71
N TYR A 331 23.54 -14.87 4.72
CA TYR A 331 22.95 -16.21 4.89
C TYR A 331 23.96 -17.27 4.43
N ASP A 332 25.23 -16.85 4.18
CA ASP A 332 26.32 -17.76 3.73
C ASP A 332 26.72 -18.70 4.87
N PRO A 333 26.44 -20.00 4.78
CA PRO A 333 26.81 -20.91 5.87
C PRO A 333 28.33 -21.10 6.10
N ALA A 334 29.19 -20.77 5.13
CA ALA A 334 30.66 -20.85 5.30
C ALA A 334 31.11 -19.87 6.38
N VAL A 335 30.30 -18.86 6.71
CA VAL A 335 30.63 -17.81 7.71
C VAL A 335 29.65 -17.87 8.87
N PHE A 336 28.37 -18.11 8.62
CA PHE A 336 27.31 -18.12 9.67
C PHE A 336 26.65 -19.49 9.81
N PRO A 337 26.92 -20.24 10.89
CA PRO A 337 26.22 -21.50 11.10
C PRO A 337 24.72 -21.26 11.22
N HIS A 338 23.94 -22.18 10.66
CA HIS A 338 22.45 -22.17 10.62
C HIS A 338 21.96 -20.79 10.23
N PRO A 339 22.40 -20.25 9.08
CA PRO A 339 22.12 -18.85 8.74
C PRO A 339 20.61 -18.55 8.68
N GLU A 340 19.79 -19.57 8.41
CA GLU A 340 18.32 -19.43 8.13
C GLU A 340 17.57 -19.23 9.44
N ARG A 341 18.28 -19.41 10.55
CA ARG A 341 17.66 -19.31 11.88
C ARG A 341 18.21 -18.08 12.62
N ILE A 342 17.34 -17.38 13.34
CA ILE A 342 17.76 -16.17 14.13
C ILE A 342 18.40 -16.66 15.44
N ASP A 343 19.64 -16.25 15.71
CA ASP A 343 20.32 -16.64 16.98
C ASP A 343 20.81 -15.37 17.69
N PHE A 344 20.20 -15.02 18.82
CA PHE A 344 20.63 -13.82 19.58
C PHE A 344 21.84 -14.15 20.43
N ASP A 345 22.51 -15.26 20.14
CA ASP A 345 23.62 -15.77 20.99
C ASP A 345 24.77 -16.35 20.17
N ARG A 346 25.04 -15.81 18.98
CA ARG A 346 26.19 -16.18 18.13
C ARG A 346 27.44 -15.58 18.77
N GLU A 347 28.53 -16.34 18.80
CA GLU A 347 29.84 -15.87 19.30
C GLU A 347 30.26 -14.61 18.55
N SER A 348 30.00 -14.62 17.25
CA SER A 348 30.54 -13.69 16.24
C SER A 348 29.43 -13.37 15.23
N ASN A 349 29.47 -12.20 14.59
CA ASN A 349 28.41 -11.74 13.65
C ASN A 349 28.97 -10.63 12.77
N PRO A 350 29.86 -10.98 11.81
CA PRO A 350 30.49 -10.00 10.93
C PRO A 350 29.63 -9.75 9.68
N HIS A 351 28.40 -9.26 9.88
CA HIS A 351 27.38 -9.21 8.80
C HIS A 351 27.60 -7.96 7.93
N LEU A 352 27.08 -7.99 6.69
CA LEU A 352 27.27 -6.92 5.69
C LEU A 352 26.00 -6.11 5.52
N ALA A 353 25.15 -6.04 6.55
CA ALA A 353 23.82 -5.37 6.49
C ALA A 353 24.00 -3.87 6.30
N PHE A 354 25.12 -3.33 6.80
CA PHE A 354 25.53 -1.91 6.68
C PHE A 354 26.60 -1.75 5.59
N GLY A 355 26.83 -2.81 4.84
CA GLY A 355 27.90 -2.85 3.82
C GLY A 355 29.24 -3.11 4.44
N GLY A 356 30.30 -2.56 3.85
CA GLY A 356 31.69 -2.62 4.33
C GLY A 356 32.59 -1.72 3.48
N GLY A 357 33.91 -1.80 3.74
CA GLY A 357 34.94 -0.94 3.14
C GLY A 357 34.65 0.54 3.32
N GLN A 358 34.99 1.34 2.32
CA GLN A 358 34.93 2.82 2.35
C GLN A 358 33.46 3.30 2.49
N HIS A 359 32.46 2.58 1.97
CA HIS A 359 31.05 3.07 1.93
C HIS A 359 30.20 2.42 3.02
N PHE A 360 30.82 1.69 3.95
CA PHE A 360 30.15 1.18 5.17
C PHE A 360 29.28 2.31 5.71
N CYS A 361 28.03 1.98 6.05
CA CYS A 361 27.04 2.96 6.51
C CYS A 361 27.65 3.86 7.60
N PRO A 362 27.65 5.20 7.39
CA PRO A 362 28.14 6.13 8.40
C PRO A 362 27.19 6.38 9.57
N ALA A 363 25.94 5.95 9.46
CA ALA A 363 24.89 6.18 10.50
C ALA A 363 24.56 4.88 11.24
N SER A 364 25.45 3.88 11.20
CA SER A 364 25.21 2.52 11.74
C SER A 364 24.65 2.65 13.16
N ALA A 365 25.34 3.41 14.03
CA ALA A 365 24.98 3.45 15.47
C ALA A 365 23.59 4.07 15.63
N LEU A 366 23.26 5.05 14.79
CA LEU A 366 21.94 5.74 14.80
C LEU A 366 20.89 4.73 14.36
N GLY A 367 21.22 3.96 13.31
CA GLY A 367 20.41 2.83 12.84
C GLY A 367 20.08 1.88 13.96
N ARG A 368 21.10 1.36 14.64
CA ARG A 368 20.97 0.44 15.79
C ARG A 368 20.15 1.12 16.90
N THR A 369 20.49 2.34 17.32
CA THR A 369 19.74 3.08 18.37
C THR A 369 18.25 3.17 17.99
N HIS A 370 17.94 3.71 16.83
CA HIS A 370 16.55 3.71 16.32
C HIS A 370 15.83 2.38 16.64
N ALA A 371 16.41 1.27 16.20
CA ALA A 371 15.74 -0.05 16.24
C ALA A 371 15.71 -0.53 17.70
N GLU A 372 16.81 -0.44 18.43
CA GLU A 372 16.85 -0.94 19.84
C GLU A 372 15.68 -0.33 20.63
N ILE A 373 15.44 0.97 20.44
CA ILE A 373 14.50 1.73 21.32
C ILE A 373 13.04 1.47 20.90
N ALA A 374 12.77 1.32 19.61
CA ALA A 374 11.44 0.96 19.09
C ALA A 374 11.10 -0.48 19.52
N LEU A 375 12.09 -1.39 19.43
CA LEU A 375 11.78 -2.83 19.67
C LEU A 375 11.61 -3.04 21.17
N THR A 376 12.49 -2.44 21.98
CA THR A 376 12.33 -2.42 23.45
C THR A 376 10.96 -1.90 23.80
N ALA A 377 10.53 -0.78 23.24
CA ALA A 377 9.20 -0.19 23.55
C ALA A 377 8.09 -1.15 23.07
N LEU A 378 8.29 -1.80 21.91
CA LEU A 378 7.28 -2.70 21.28
C LEU A 378 7.05 -3.95 22.13
N VAL A 379 8.10 -4.61 22.56
CA VAL A 379 7.90 -5.87 23.33
C VAL A 379 7.41 -5.55 24.74
N GLU A 380 7.66 -4.34 25.28
CA GLU A 380 7.09 -3.91 26.59
C GLU A 380 5.59 -3.68 26.41
N LYS A 381 5.16 -2.88 25.43
CA LYS A 381 3.76 -2.38 25.32
C LYS A 381 2.81 -3.43 24.76
N LEU A 382 3.25 -4.25 23.77
CA LEU A 382 2.41 -5.23 23.01
C LEU A 382 2.95 -6.65 23.20
N PRO A 383 3.01 -7.18 24.44
CA PRO A 383 3.64 -8.47 24.67
C PRO A 383 3.01 -9.67 23.93
N ALA A 384 1.75 -9.61 23.49
CA ALA A 384 1.06 -10.68 22.72
C ALA A 384 1.03 -10.30 21.22
N LEU A 385 2.02 -9.52 20.81
CA LEU A 385 2.16 -9.11 19.43
C LEU A 385 2.25 -10.36 18.57
N ARG A 386 1.42 -10.41 17.52
CA ARG A 386 1.43 -11.43 16.43
C ARG A 386 0.89 -10.82 15.15
N LEU A 387 1.13 -11.43 13.99
CA LEU A 387 0.51 -10.98 12.72
C LEU A 387 -0.99 -11.19 12.84
N ALA A 388 -1.78 -10.34 12.23
CA ALA A 388 -3.24 -10.48 12.14
C ALA A 388 -3.62 -11.54 11.11
N LEU A 389 -2.66 -12.02 10.32
CA LEU A 389 -2.99 -13.06 9.30
C LEU A 389 -1.73 -13.83 8.94
N PRO A 390 -1.80 -14.89 8.09
CA PRO A 390 -0.58 -15.63 7.77
C PRO A 390 0.37 -14.66 7.04
N VAL A 391 1.65 -14.71 7.40
CA VAL A 391 2.76 -13.90 6.81
C VAL A 391 2.80 -14.10 5.28
N GLU A 392 2.40 -15.28 4.78
CA GLU A 392 2.32 -15.59 3.33
C GLU A 392 1.41 -14.59 2.63
N GLN A 393 0.42 -14.04 3.32
CA GLN A 393 -0.60 -13.16 2.68
C GLN A 393 -0.31 -11.66 2.90
N LEU A 394 0.91 -11.28 3.31
CA LEU A 394 1.29 -9.85 3.37
C LEU A 394 1.52 -9.38 1.93
N ALA A 395 1.14 -8.12 1.63
CA ALA A 395 1.40 -7.43 0.36
C ALA A 395 2.83 -6.88 0.37
N TRP A 396 3.70 -7.47 -0.43
CA TRP A 396 5.11 -7.02 -0.58
C TRP A 396 5.19 -5.99 -1.71
N ARG A 397 5.69 -4.80 -1.36
CA ARG A 397 5.77 -3.63 -2.25
C ARG A 397 6.71 -3.93 -3.40
N PRO A 398 6.17 -3.69 -4.63
CA PRO A 398 6.92 -3.92 -5.84
C PRO A 398 7.69 -2.64 -6.22
N GLY A 399 8.70 -2.79 -7.08
CA GLY A 399 9.39 -1.68 -7.77
C GLY A 399 9.95 -0.64 -6.80
N PHE A 400 10.44 -1.06 -5.63
CA PHE A 400 11.07 -0.16 -4.64
C PHE A 400 12.48 -0.67 -4.25
N ILE A 401 13.36 0.22 -3.79
CA ILE A 401 14.76 -0.12 -3.37
C ILE A 401 14.71 -1.02 -2.12
N LYS A 402 13.68 -0.85 -1.31
CA LYS A 402 13.44 -1.68 -0.10
C LYS A 402 12.38 -2.74 -0.42
N ARG A 403 12.55 -3.95 0.12
CA ARG A 403 11.48 -4.94 0.35
C ARG A 403 10.74 -4.53 1.62
N LEU A 404 9.43 -4.36 1.53
CA LEU A 404 8.64 -4.02 2.74
C LEU A 404 7.18 -4.37 2.53
N PRO A 405 6.46 -4.73 3.62
CA PRO A 405 5.03 -4.98 3.56
C PRO A 405 4.28 -3.66 3.38
N GLU A 406 3.43 -3.56 2.35
CA GLU A 406 2.64 -2.33 2.09
C GLU A 406 1.88 -2.00 3.36
N ARG A 407 1.37 -3.04 4.05
CA ARG A 407 0.74 -2.92 5.40
C ARG A 407 1.28 -3.99 6.34
N LEU A 408 1.33 -3.70 7.63
CA LEU A 408 1.87 -4.65 8.62
C LEU A 408 0.85 -4.82 9.73
N PRO A 409 -0.27 -5.52 9.43
CA PRO A 409 -1.41 -5.64 10.33
C PRO A 409 -1.10 -6.59 11.47
N VAL A 410 -1.28 -6.16 12.73
CA VAL A 410 -0.91 -6.98 13.91
C VAL A 410 -2.04 -6.97 14.93
N LEU A 411 -1.99 -7.95 15.83
CA LEU A 411 -2.90 -8.15 16.97
C LEU A 411 -2.01 -8.20 18.22
N TRP A 412 -2.59 -8.00 19.42
CA TRP A 412 -1.88 -7.98 20.73
C TRP A 412 -2.85 -8.13 21.92
N PRO B 19 -6.79 -29.21 -15.98
CA PRO B 19 -6.25 -27.98 -15.35
C PRO B 19 -7.23 -26.78 -15.33
N LEU B 20 -8.04 -26.63 -14.27
CA LEU B 20 -9.07 -25.56 -14.17
C LEU B 20 -8.36 -24.20 -14.20
N PRO B 21 -8.83 -23.20 -14.99
CA PRO B 21 -8.37 -21.82 -14.85
C PRO B 21 -8.48 -21.35 -13.39
N ASP B 22 -7.51 -20.57 -12.93
CA ASP B 22 -7.43 -20.11 -11.52
C ASP B 22 -8.22 -18.83 -11.39
N PHE B 23 -8.97 -18.71 -10.31
CA PHE B 23 -9.69 -17.49 -9.92
C PHE B 23 -9.14 -17.06 -8.55
N PRO B 24 -8.92 -15.75 -8.27
CA PRO B 24 -9.31 -14.66 -9.15
C PRO B 24 -8.37 -14.34 -10.32
N LEU B 25 -8.80 -13.41 -11.17
CA LEU B 25 -7.98 -12.99 -12.31
C LEU B 25 -6.94 -11.97 -11.86
N SER B 26 -6.16 -11.45 -12.80
CA SER B 26 -5.04 -10.51 -12.55
C SER B 26 -5.49 -9.39 -11.59
N ARG B 27 -4.59 -8.97 -10.68
CA ARG B 27 -4.75 -7.83 -9.73
C ARG B 27 -4.65 -6.51 -10.50
N ARG B 28 -4.01 -6.53 -11.67
CA ARG B 28 -3.75 -5.33 -12.48
C ARG B 28 -5.10 -4.81 -12.98
N GLY B 29 -5.46 -3.56 -12.61
CA GLY B 29 -6.76 -2.95 -12.91
C GLY B 29 -6.76 -1.86 -13.99
N ASP B 30 -5.69 -1.68 -14.78
CA ASP B 30 -5.71 -0.62 -15.82
C ASP B 30 -6.06 -1.20 -17.19
N ILE B 31 -6.01 -2.51 -17.40
CA ILE B 31 -6.50 -3.21 -18.64
C ILE B 31 -7.29 -4.45 -18.20
N LEU B 32 -8.36 -4.73 -18.94
CA LEU B 32 -9.12 -5.99 -18.84
C LEU B 32 -8.11 -7.13 -18.99
N PRO B 33 -8.07 -8.07 -18.05
CA PRO B 33 -7.19 -9.23 -18.17
C PRO B 33 -7.52 -9.99 -19.46
N ALA B 34 -6.51 -10.36 -20.24
CA ALA B 34 -6.65 -11.17 -21.47
C ALA B 34 -7.48 -12.42 -21.17
N GLU B 35 -7.37 -12.95 -19.95
CA GLU B 35 -8.08 -14.19 -19.50
C GLU B 35 -9.61 -13.94 -19.49
N ALA B 36 -10.10 -12.73 -19.20
CA ALA B 36 -11.56 -12.46 -19.15
C ALA B 36 -12.10 -12.50 -20.58
N GLU B 37 -11.32 -11.99 -21.51
CA GLU B 37 -11.62 -11.98 -22.97
C GLU B 37 -11.68 -13.44 -23.41
N ARG B 38 -10.71 -14.27 -23.04
CA ARG B 38 -10.63 -15.67 -23.54
C ARG B 38 -11.82 -16.46 -22.96
N LEU B 39 -12.10 -16.32 -21.65
CA LEU B 39 -13.17 -17.09 -20.96
C LEU B 39 -14.52 -16.75 -21.62
N ARG B 40 -14.81 -15.47 -21.81
CA ARG B 40 -16.11 -15.03 -22.35
C ARG B 40 -16.30 -15.63 -23.75
N ALA B 41 -15.22 -15.80 -24.50
CA ALA B 41 -15.26 -16.23 -25.91
C ALA B 41 -15.33 -17.75 -26.03
N GLU B 42 -14.62 -18.48 -25.18
CA GLU B 42 -14.46 -19.96 -25.25
C GLU B 42 -15.32 -20.70 -24.22
N GLN B 43 -15.52 -20.16 -23.02
CA GLN B 43 -16.36 -20.85 -22.00
C GLN B 43 -17.02 -19.80 -21.10
N PRO B 44 -18.08 -19.13 -21.62
CA PRO B 44 -18.75 -18.06 -20.90
C PRO B 44 -19.29 -18.50 -19.54
N VAL B 45 -19.45 -19.81 -19.38
CA VAL B 45 -19.59 -20.48 -18.05
C VAL B 45 -18.45 -21.48 -17.95
N ALA B 46 -17.38 -21.09 -17.29
CA ALA B 46 -16.20 -21.95 -17.04
C ALA B 46 -16.19 -22.42 -15.60
N ARG B 47 -15.84 -23.70 -15.41
CA ARG B 47 -15.44 -24.27 -14.09
C ARG B 47 -14.03 -23.76 -13.74
N VAL B 48 -13.84 -23.28 -12.52
CA VAL B 48 -12.60 -22.60 -12.06
C VAL B 48 -12.33 -23.04 -10.63
N ARG B 49 -11.11 -22.88 -10.16
CA ARG B 49 -10.74 -23.20 -8.77
C ARG B 49 -10.54 -21.88 -8.05
N THR B 50 -11.32 -21.58 -7.03
CA THR B 50 -11.12 -20.32 -6.29
C THR B 50 -9.87 -20.39 -5.41
N MET B 51 -9.52 -19.29 -4.74
CA MET B 51 -8.32 -19.22 -3.87
C MET B 51 -8.50 -20.14 -2.64
N THR B 52 -9.72 -20.53 -2.28
CA THR B 52 -9.93 -21.49 -1.16
C THR B 52 -9.65 -22.93 -1.64
N GLY B 53 -9.60 -23.17 -2.94
CA GLY B 53 -9.55 -24.54 -3.48
C GLY B 53 -10.91 -25.10 -3.87
N ASP B 54 -12.02 -24.54 -3.35
CA ASP B 54 -13.39 -24.88 -3.83
C ASP B 54 -13.47 -24.67 -5.34
N GLU B 55 -14.41 -25.34 -5.99
CA GLU B 55 -14.68 -25.19 -7.44
C GLU B 55 -15.90 -24.27 -7.58
N ALA B 56 -16.00 -23.54 -8.69
CA ALA B 56 -17.05 -22.52 -8.96
C ALA B 56 -17.37 -22.45 -10.45
N TRP B 57 -18.57 -21.95 -10.75
CA TRP B 57 -18.95 -21.55 -12.12
C TRP B 57 -18.74 -20.03 -12.27
N LEU B 58 -17.73 -19.66 -13.04
CA LEU B 58 -17.45 -18.26 -13.42
C LEU B 58 -18.24 -17.96 -14.70
N VAL B 59 -19.07 -16.93 -14.65
CA VAL B 59 -19.93 -16.49 -15.77
C VAL B 59 -19.42 -15.13 -16.28
N SER B 60 -19.07 -15.04 -17.55
CA SER B 60 -18.19 -13.97 -18.05
C SER B 60 -18.81 -13.23 -19.25
N SER B 61 -20.01 -13.62 -19.66
CA SER B 61 -20.75 -12.94 -20.75
C SER B 61 -21.87 -12.11 -20.14
N TYR B 62 -22.23 -11.05 -20.83
CA TYR B 62 -23.28 -10.12 -20.39
C TYR B 62 -24.62 -10.85 -20.17
N GLU B 63 -25.11 -11.49 -21.24
CA GLU B 63 -26.39 -12.24 -21.31
C GLU B 63 -26.47 -13.12 -20.06
N LEU B 64 -25.43 -13.91 -19.79
CA LEU B 64 -25.51 -14.99 -18.78
C LEU B 64 -25.29 -14.38 -17.40
N ALA B 65 -24.49 -13.31 -17.32
CA ALA B 65 -24.28 -12.59 -16.05
C ALA B 65 -25.62 -11.96 -15.65
N LYS B 66 -26.30 -11.28 -16.59
CA LYS B 66 -27.59 -10.61 -16.31
C LYS B 66 -28.58 -11.67 -15.84
N GLN B 67 -28.64 -12.81 -16.54
CA GLN B 67 -29.55 -13.92 -16.22
C GLN B 67 -29.34 -14.39 -14.77
N VAL B 68 -28.07 -14.62 -14.36
CA VAL B 68 -27.71 -15.09 -12.99
C VAL B 68 -28.22 -14.03 -12.01
N LEU B 69 -27.84 -12.76 -12.22
CA LEU B 69 -28.22 -11.63 -11.32
C LEU B 69 -29.74 -11.53 -11.21
N GLU B 70 -30.47 -11.84 -12.27
CA GLU B 70 -31.93 -11.62 -12.32
C GLU B 70 -32.70 -12.89 -11.98
N ASP B 71 -32.01 -14.01 -11.77
CA ASP B 71 -32.66 -15.30 -11.44
C ASP B 71 -32.48 -15.53 -9.92
N ASP B 72 -33.60 -15.54 -9.18
CA ASP B 72 -33.68 -15.65 -7.70
C ASP B 72 -33.27 -17.04 -7.18
N ARG B 73 -33.15 -18.06 -8.04
CA ARG B 73 -32.65 -19.39 -7.63
C ARG B 73 -31.12 -19.38 -7.45
N PHE B 74 -30.45 -18.26 -7.74
CA PHE B 74 -29.03 -18.02 -7.36
C PHE B 74 -29.01 -17.07 -6.17
N SER B 75 -28.66 -17.57 -4.99
CA SER B 75 -28.83 -16.86 -3.68
C SER B 75 -27.54 -16.18 -3.22
N LEU B 76 -27.63 -14.89 -2.89
CA LEU B 76 -26.55 -14.11 -2.24
C LEU B 76 -26.47 -14.47 -0.75
N LYS B 77 -27.59 -14.39 -0.06
CA LYS B 77 -27.73 -14.74 1.37
C LYS B 77 -26.96 -16.04 1.62
N ASP B 78 -27.17 -17.05 0.77
CA ASP B 78 -26.75 -18.47 1.02
C ASP B 78 -25.25 -18.68 0.82
N THR B 79 -24.50 -17.66 0.35
CA THR B 79 -23.03 -17.70 0.15
C THR B 79 -22.30 -17.68 1.49
N ALA B 80 -22.94 -17.22 2.56
CA ALA B 80 -22.38 -17.20 3.94
C ALA B 80 -22.71 -18.47 4.72
N ASN B 81 -23.50 -19.39 4.17
CA ASN B 81 -23.91 -20.62 4.90
C ASN B 81 -22.63 -21.38 5.22
N PRO B 82 -22.58 -22.07 6.38
CA PRO B 82 -21.48 -23.00 6.66
C PRO B 82 -21.43 -24.08 5.59
N GLY B 83 -20.25 -24.47 5.19
CA GLY B 83 -20.07 -25.71 4.42
C GLY B 83 -20.35 -25.54 2.95
N VAL B 84 -20.76 -24.35 2.48
CA VAL B 84 -20.88 -24.10 1.01
C VAL B 84 -19.52 -23.78 0.39
N PRO B 85 -19.34 -23.98 -0.93
CA PRO B 85 -18.09 -23.56 -1.57
C PRO B 85 -17.97 -22.02 -1.52
N ARG B 86 -16.74 -21.55 -1.28
CA ARG B 86 -16.41 -20.13 -0.96
C ARG B 86 -15.37 -19.66 -1.98
N GLN B 87 -15.48 -18.42 -2.44
CA GLN B 87 -14.42 -17.86 -3.30
C GLN B 87 -13.29 -17.35 -2.39
N TYR B 88 -13.61 -17.04 -1.13
CA TYR B 88 -12.65 -16.69 -0.04
C TYR B 88 -13.35 -16.78 1.32
N ALA B 89 -12.58 -16.72 2.39
CA ALA B 89 -13.06 -16.75 3.79
C ALA B 89 -14.02 -15.58 4.00
N LEU B 90 -15.13 -15.85 4.69
CA LEU B 90 -15.97 -14.88 5.42
C LEU B 90 -15.08 -14.03 6.32
N THR B 91 -15.14 -12.69 6.17
CA THR B 91 -14.40 -11.74 7.03
C THR B 91 -15.36 -11.00 7.99
N ILE B 92 -16.67 -11.17 7.80
CA ILE B 92 -17.76 -10.52 8.61
C ILE B 92 -18.65 -11.64 9.16
N PRO B 93 -19.58 -11.35 10.11
CA PRO B 93 -20.59 -12.35 10.49
C PRO B 93 -21.39 -12.83 9.28
N PRO B 94 -21.86 -14.11 9.25
CA PRO B 94 -22.76 -14.58 8.20
C PRO B 94 -23.99 -13.67 7.93
N GLU B 95 -24.59 -13.14 9.00
CA GLU B 95 -25.87 -12.37 8.98
C GLU B 95 -25.72 -11.11 8.11
N VAL B 96 -24.55 -10.47 8.12
CA VAL B 96 -24.30 -9.18 7.40
C VAL B 96 -24.25 -9.38 5.86
N VAL B 97 -23.93 -10.58 5.32
CA VAL B 97 -23.79 -10.79 3.84
C VAL B 97 -25.19 -10.69 3.22
N ASN B 98 -26.23 -10.81 4.06
CA ASN B 98 -27.65 -10.50 3.76
C ASN B 98 -28.02 -9.16 4.44
N ASN B 99 -27.20 -8.12 4.30
CA ASN B 99 -27.40 -6.81 4.99
C ASN B 99 -28.77 -6.22 4.57
N MET B 100 -29.00 -6.00 3.26
CA MET B 100 -30.29 -5.45 2.73
C MET B 100 -31.48 -6.33 3.15
N GLY B 101 -31.31 -7.65 3.21
CA GLY B 101 -32.32 -8.58 3.75
C GLY B 101 -32.78 -8.15 5.12
N ASN B 102 -31.87 -8.19 6.11
CA ASN B 102 -32.09 -7.93 7.57
C ASN B 102 -32.64 -6.52 7.81
N ILE B 103 -31.97 -5.51 7.21
CA ILE B 103 -32.40 -4.08 7.10
C ILE B 103 -33.88 -4.01 6.71
N ASN B 104 -34.31 -4.73 5.66
CA ASN B 104 -35.70 -4.73 5.13
C ASN B 104 -36.66 -5.28 6.21
N SER B 105 -36.26 -6.37 6.89
CA SER B 105 -37.11 -7.24 7.76
C SER B 105 -37.36 -6.61 9.14
N ALA B 106 -36.62 -5.55 9.50
CA ALA B 106 -36.69 -4.88 10.83
C ALA B 106 -37.43 -3.52 10.79
N GLY B 107 -38.06 -3.16 9.67
CA GLY B 107 -38.70 -1.84 9.47
C GLY B 107 -37.68 -0.70 9.50
N LEU B 108 -36.41 -1.03 9.22
CA LEU B 108 -35.20 -0.14 9.20
C LEU B 108 -34.99 0.43 7.80
N ARG B 109 -35.68 -0.16 6.82
CA ARG B 109 -35.54 0.18 5.39
C ARG B 109 -35.71 1.69 5.24
N ASN B 110 -36.55 2.35 6.03
CA ASN B 110 -36.88 3.77 5.76
C ASN B 110 -35.69 4.65 6.20
N ALA B 111 -35.20 4.47 7.43
CA ALA B 111 -33.94 5.11 7.90
C ALA B 111 -32.82 4.88 6.86
N VAL B 112 -32.62 3.64 6.42
CA VAL B 112 -31.50 3.33 5.50
C VAL B 112 -31.79 4.05 4.18
N MET B 113 -32.97 3.89 3.59
CA MET B 113 -33.27 4.43 2.23
C MET B 113 -33.20 5.97 2.24
N LYS B 114 -33.62 6.63 3.32
CA LYS B 114 -33.53 8.10 3.44
C LYS B 114 -32.03 8.49 3.44
N THR B 115 -31.21 7.76 4.20
CA THR B 115 -29.73 7.98 4.29
C THR B 115 -29.09 7.85 2.89
N LEU B 116 -29.39 6.79 2.15
CA LEU B 116 -28.78 6.51 0.81
C LEU B 116 -29.28 7.49 -0.27
N SER B 117 -30.50 8.03 -0.16
CA SER B 117 -31.08 9.00 -1.13
C SER B 117 -30.33 10.33 -1.12
N PRO B 118 -29.66 10.74 -2.24
CA PRO B 118 -28.99 12.03 -2.30
C PRO B 118 -29.97 13.22 -2.21
N GLN B 119 -31.20 13.04 -2.74
CA GLN B 119 -32.34 13.99 -2.65
C GLN B 119 -32.61 14.37 -1.19
N ALA B 120 -32.55 13.39 -0.29
CA ALA B 120 -32.96 13.55 1.12
C ALA B 120 -31.98 14.45 1.90
N ASP B 121 -30.90 14.96 1.31
CA ASP B 121 -29.86 15.79 1.98
C ASP B 121 -29.51 16.92 1.01
N ARG B 122 -30.28 18.00 1.08
CA ARG B 122 -30.29 19.14 0.14
C ARG B 122 -28.88 19.73 0.00
N GLU B 123 -28.04 19.68 1.06
CA GLU B 123 -26.71 20.34 1.12
C GLU B 123 -25.58 19.36 0.72
N LEU B 124 -25.86 18.09 0.51
CA LEU B 124 -24.82 17.05 0.21
C LEU B 124 -23.90 17.50 -0.92
N GLY B 125 -24.49 17.85 -2.08
CA GLY B 125 -23.78 18.35 -3.26
C GLY B 125 -22.76 19.41 -2.86
N GLY B 126 -23.21 20.49 -2.20
CA GLY B 126 -22.35 21.65 -1.92
C GLY B 126 -21.27 21.21 -0.97
N TRP B 127 -21.61 20.35 -0.02
CA TRP B 127 -20.66 19.89 1.01
C TRP B 127 -19.63 18.94 0.35
N LEU B 128 -20.05 17.94 -0.45
CA LEU B 128 -19.10 17.09 -1.22
C LEU B 128 -18.17 17.97 -2.08
N GLU B 129 -18.76 18.97 -2.72
CA GLU B 129 -18.00 19.86 -3.63
C GLU B 129 -16.93 20.58 -2.82
N ALA B 130 -17.29 21.17 -1.69
CA ALA B 130 -16.38 21.87 -0.76
C ALA B 130 -15.27 20.90 -0.28
N GLN B 131 -15.60 19.67 0.17
CA GLN B 131 -14.61 18.63 0.57
C GLN B 131 -13.61 18.37 -0.57
N ALA B 132 -14.09 18.14 -1.78
CA ALA B 132 -13.23 17.79 -2.95
C ALA B 132 -12.28 18.94 -3.20
N HIS B 133 -12.77 20.17 -3.08
CA HIS B 133 -12.01 21.41 -3.39
C HIS B 133 -10.90 21.57 -2.36
N GLN B 134 -11.23 21.48 -1.08
CA GLN B 134 -10.23 21.66 0.03
C GLN B 134 -9.16 20.58 -0.02
N LEU B 135 -9.53 19.33 -0.34
CA LEU B 135 -8.54 18.21 -0.38
C LEU B 135 -7.53 18.46 -1.50
N LEU B 136 -8.02 18.77 -2.70
CA LEU B 136 -7.17 19.14 -3.86
C LEU B 136 -6.40 20.45 -3.58
N ASP B 137 -7.01 21.48 -2.99
CA ASP B 137 -6.30 22.73 -2.60
C ASP B 137 -5.08 22.38 -1.72
N ARG B 138 -5.19 21.36 -0.86
CA ARG B 138 -4.09 20.93 0.05
C ARG B 138 -2.99 20.28 -0.78
N LEU B 139 -3.32 19.54 -1.84
CA LEU B 139 -2.27 18.89 -2.66
C LEU B 139 -1.55 19.94 -3.51
N ILE B 140 -2.29 20.94 -4.01
CA ILE B 140 -1.77 22.12 -4.79
C ILE B 140 -0.87 22.98 -3.87
N GLU B 141 -1.26 23.24 -2.63
CA GLU B 141 -0.39 23.91 -1.63
C GLU B 141 0.97 23.20 -1.57
N GLN B 142 1.06 21.87 -1.54
CA GLN B 142 2.37 21.17 -1.38
C GLN B 142 3.09 21.01 -2.71
N GLY B 143 2.34 21.11 -3.81
CA GLY B 143 2.86 20.88 -5.17
C GLY B 143 2.95 19.39 -5.56
N PRO B 144 3.05 19.07 -6.87
CA PRO B 144 3.21 17.69 -7.32
C PRO B 144 4.60 17.12 -7.06
N PRO B 145 4.77 15.79 -7.02
CA PRO B 145 3.64 14.85 -7.17
C PRO B 145 2.88 14.69 -5.85
N ALA B 146 1.65 14.20 -5.93
CA ALA B 146 0.90 13.73 -4.74
C ALA B 146 0.30 12.39 -5.07
N ASP B 147 0.00 11.60 -4.03
CA ASP B 147 -0.81 10.35 -4.09
C ASP B 147 -2.31 10.73 -4.05
N LEU B 148 -3.06 10.47 -5.13
CA LEU B 148 -4.50 10.84 -5.16
C LEU B 148 -5.32 9.81 -4.39
N ARG B 149 -4.76 8.63 -4.07
CA ARG B 149 -5.44 7.71 -3.12
C ARG B 149 -5.45 8.33 -1.71
N ASP B 150 -4.30 8.43 -1.04
CA ASP B 150 -4.25 8.90 0.37
C ASP B 150 -4.63 10.38 0.44
N GLY B 151 -4.29 11.17 -0.58
CA GLY B 151 -4.55 12.63 -0.55
C GLY B 151 -5.93 13.03 -1.02
N PHE B 152 -6.65 12.16 -1.71
CA PHE B 152 -7.97 12.57 -2.26
C PHE B 152 -9.05 11.50 -2.08
N THR B 153 -8.99 10.36 -2.76
CA THR B 153 -10.07 9.34 -2.77
C THR B 153 -10.42 8.80 -1.39
N GLU B 154 -9.42 8.48 -0.58
CA GLU B 154 -9.68 7.96 0.78
C GLU B 154 -10.28 9.07 1.66
N PRO B 155 -9.65 10.23 1.92
CA PRO B 155 -10.27 11.21 2.82
C PRO B 155 -11.67 11.62 2.32
N TYR B 156 -11.90 11.64 1.00
CA TYR B 156 -13.14 12.15 0.37
C TYR B 156 -14.27 11.14 0.58
N SER B 157 -13.98 9.86 0.36
CA SER B 157 -14.94 8.73 0.53
C SER B 157 -15.25 8.54 2.02
N ALA B 158 -14.24 8.62 2.88
CA ALA B 158 -14.43 8.58 4.33
C ALA B 158 -15.33 9.73 4.77
N ALA B 159 -15.07 10.95 4.29
CA ALA B 159 -15.85 12.14 4.70
C ALA B 159 -17.32 11.95 4.27
N LEU B 160 -17.56 11.44 3.07
CA LEU B 160 -18.96 11.20 2.62
C LEU B 160 -19.65 10.29 3.64
N HIS B 161 -19.00 9.19 3.99
CA HIS B 161 -19.62 8.09 4.73
C HIS B 161 -19.74 8.44 6.21
N CYS B 162 -18.82 9.24 6.75
CA CYS B 162 -18.97 9.87 8.09
C CYS B 162 -20.24 10.78 8.09
N ARG B 163 -20.44 11.56 7.04
CA ARG B 163 -21.68 12.36 6.95
C ARG B 163 -22.90 11.42 6.83
N LEU B 164 -22.85 10.34 6.03
CA LEU B 164 -24.04 9.46 5.88
C LEU B 164 -24.47 8.90 7.24
N LEU B 165 -23.51 8.53 8.10
CA LEU B 165 -23.73 7.98 9.46
C LEU B 165 -23.98 9.09 10.49
N GLY B 166 -23.53 10.32 10.22
CA GLY B 166 -23.67 11.46 11.16
C GLY B 166 -22.61 11.41 12.24
N ILE B 167 -21.44 10.86 11.93
CA ILE B 167 -20.24 10.86 12.81
C ILE B 167 -19.28 11.92 12.30
N PRO B 168 -18.37 12.45 13.14
CA PRO B 168 -17.33 13.37 12.67
C PRO B 168 -16.28 12.64 11.81
N THR B 169 -15.34 13.39 11.25
CA THR B 169 -14.34 12.89 10.27
C THR B 169 -12.98 12.68 10.94
N ASP B 170 -12.88 13.00 12.24
CA ASP B 170 -11.62 13.03 13.02
C ASP B 170 -10.86 11.71 12.85
N ASP B 171 -11.57 10.58 12.82
CA ASP B 171 -10.97 9.22 12.91
C ASP B 171 -10.99 8.51 11.55
N TRP B 172 -11.19 9.23 10.45
CA TRP B 172 -11.31 8.61 9.10
C TRP B 172 -10.15 7.63 8.87
N ARG B 173 -8.93 7.98 9.29
CA ARG B 173 -7.74 7.18 8.92
C ARG B 173 -7.90 5.79 9.52
N ARG B 174 -8.34 5.72 10.79
CA ARG B 174 -8.52 4.42 11.49
C ARG B 174 -9.74 3.67 10.92
N LEU B 175 -10.77 4.40 10.47
CA LEU B 175 -11.94 3.73 9.84
C LEU B 175 -11.53 3.10 8.51
N MET B 176 -10.81 3.84 7.67
CA MET B 176 -10.33 3.34 6.36
C MET B 176 -9.27 2.22 6.59
N SER B 177 -8.50 2.27 7.65
CA SER B 177 -7.62 1.13 8.05
C SER B 177 -8.49 -0.09 8.40
N GLY B 178 -9.68 0.10 8.96
CA GLY B 178 -10.59 -1.03 9.22
C GLY B 178 -10.90 -1.75 7.92
N ILE B 179 -11.12 -0.98 6.84
CA ILE B 179 -11.48 -1.47 5.49
C ILE B 179 -10.30 -2.27 4.93
N ASP B 180 -9.06 -1.82 5.19
CA ASP B 180 -7.83 -2.51 4.71
C ASP B 180 -7.78 -3.95 5.26
N VAL B 181 -8.44 -4.24 6.38
CA VAL B 181 -8.50 -5.61 6.98
C VAL B 181 -9.83 -6.28 6.64
N ALA B 182 -10.96 -5.61 6.85
CA ALA B 182 -12.32 -6.19 6.64
C ALA B 182 -12.39 -6.82 5.23
N PHE B 183 -11.84 -6.16 4.21
CA PHE B 183 -12.09 -6.51 2.80
C PHE B 183 -10.97 -7.37 2.22
N ILE B 184 -10.13 -7.99 3.05
CA ILE B 184 -9.08 -8.91 2.57
C ILE B 184 -9.78 -10.18 2.05
N THR B 185 -9.36 -10.66 0.89
CA THR B 185 -9.70 -12.01 0.37
C THR B 185 -8.59 -12.99 0.77
N SER B 186 -8.94 -13.95 1.64
CA SER B 186 -8.06 -15.01 2.18
C SER B 186 -8.57 -16.40 1.82
N PRO B 187 -7.69 -17.39 1.60
CA PRO B 187 -8.12 -18.77 1.37
C PRO B 187 -8.78 -19.39 2.60
N ARG B 188 -8.40 -18.94 3.79
CA ARG B 188 -8.92 -19.47 5.08
C ARG B 188 -9.20 -18.30 6.02
N THR B 189 -10.09 -18.48 7.01
CA THR B 189 -10.36 -17.46 8.05
C THR B 189 -9.01 -17.10 8.68
N PHE B 190 -8.82 -15.82 9.00
CA PHE B 190 -7.62 -15.30 9.71
C PHE B 190 -8.13 -14.66 10.98
N GLU B 191 -7.38 -14.87 12.05
CA GLU B 191 -7.71 -14.23 13.34
C GLU B 191 -7.74 -12.75 12.98
N GLY B 192 -8.51 -11.95 13.67
CA GLY B 192 -8.24 -10.52 13.42
C GLY B 192 -9.13 -9.97 12.33
N SER B 193 -9.63 -10.82 11.45
CA SER B 193 -10.88 -10.48 10.72
C SER B 193 -12.01 -10.20 11.73
N ALA B 194 -12.19 -11.03 12.78
CA ALA B 194 -13.26 -10.88 13.80
C ALA B 194 -12.89 -9.76 14.79
N VAL B 195 -11.64 -9.72 15.26
CA VAL B 195 -11.13 -8.65 16.16
C VAL B 195 -11.40 -7.31 15.50
N ASN B 196 -11.13 -7.23 14.20
CA ASN B 196 -11.30 -6.00 13.37
C ASN B 196 -12.78 -5.66 13.39
N TRP B 197 -13.65 -6.61 13.04
CA TRP B 197 -15.11 -6.39 12.98
C TRP B 197 -15.62 -5.82 14.31
N TYR B 198 -15.23 -6.42 15.46
CA TYR B 198 -15.74 -6.04 16.81
C TYR B 198 -15.10 -4.70 17.22
N LYS B 199 -13.93 -4.36 16.69
CA LYS B 199 -13.27 -3.08 17.06
C LYS B 199 -14.14 -1.90 16.58
N ASP B 200 -14.52 -1.92 15.32
CA ASP B 200 -15.26 -0.81 14.67
C ASP B 200 -16.76 -0.97 14.97
N LEU B 201 -17.22 -2.17 15.31
CA LEU B 201 -18.62 -2.31 15.80
C LEU B 201 -18.72 -1.47 17.06
N GLY B 202 -17.69 -1.57 17.91
CA GLY B 202 -17.54 -0.85 19.17
C GLY B 202 -17.56 0.64 18.99
N TYR B 203 -16.83 1.13 17.97
CA TYR B 203 -16.78 2.54 17.53
C TYR B 203 -18.21 3.00 17.23
N MET B 204 -18.91 2.24 16.41
CA MET B 204 -20.29 2.60 16.01
C MET B 204 -21.24 2.58 17.23
N VAL B 205 -21.08 1.64 18.17
CA VAL B 205 -21.94 1.55 19.38
C VAL B 205 -21.67 2.78 20.27
N ASP B 206 -20.40 3.12 20.46
CA ASP B 206 -20.02 4.31 21.26
C ASP B 206 -20.64 5.58 20.65
N ARG B 207 -20.55 5.78 19.32
CA ARG B 207 -21.00 7.02 18.63
C ARG B 207 -22.53 7.15 18.77
N LEU B 208 -23.20 5.99 18.76
CA LEU B 208 -24.68 5.86 18.82
C LEU B 208 -25.17 6.12 20.25
N ASN B 209 -24.37 5.78 21.26
CA ASN B 209 -24.81 5.89 22.67
C ASN B 209 -24.05 7.04 23.33
N ALA B 210 -23.62 8.02 22.54
CA ALA B 210 -22.89 9.19 23.06
C ALA B 210 -23.76 9.99 24.04
N ASP B 211 -23.11 10.63 25.03
CA ASP B 211 -23.85 11.46 26.01
C ASP B 211 -24.65 12.49 25.23
N PRO B 212 -24.03 13.37 24.41
CA PRO B 212 -24.83 14.22 23.56
C PRO B 212 -25.28 13.19 22.53
N GLU B 213 -26.49 12.64 22.69
CA GLU B 213 -26.99 11.59 21.78
C GLU B 213 -26.92 12.09 20.35
N PRO B 214 -26.51 11.27 19.38
CA PRO B 214 -26.35 11.71 18.02
C PRO B 214 -27.57 12.19 17.28
N THR B 215 -27.50 13.43 16.83
CA THR B 215 -28.53 13.92 15.93
C THR B 215 -27.82 13.83 14.62
N GLU B 216 -28.52 13.94 13.50
CA GLU B 216 -27.83 13.96 12.17
C GLU B 216 -27.40 12.54 11.72
N GLY B 217 -27.71 12.19 10.48
CA GLY B 217 -27.23 10.92 9.91
C GLY B 217 -28.07 9.70 10.18
N LEU B 218 -27.51 8.53 9.87
CA LEU B 218 -28.20 7.26 10.13
C LEU B 218 -28.16 6.98 11.63
N LEU B 219 -27.13 7.47 12.31
CA LEU B 219 -27.09 7.28 13.78
C LEU B 219 -28.14 8.20 14.43
N GLY B 220 -28.37 9.40 13.88
CA GLY B 220 -29.49 10.28 14.28
C GLY B 220 -30.83 9.57 14.11
N ARG B 221 -31.12 9.09 12.92
CA ARG B 221 -32.35 8.30 12.62
C ARG B 221 -32.40 7.03 13.48
N PHE B 222 -31.28 6.42 13.84
CA PHE B 222 -31.28 5.17 14.65
C PHE B 222 -31.68 5.53 16.10
N ALA B 223 -31.18 6.65 16.65
CA ALA B 223 -31.45 7.07 18.04
C ALA B 223 -32.92 7.48 18.16
N GLU B 224 -33.42 8.24 17.18
CA GLU B 224 -34.86 8.51 17.06
C GLU B 224 -35.62 7.18 17.06
N LEU B 225 -35.11 6.16 16.36
CA LEU B 225 -35.90 4.96 15.96
C LEU B 225 -36.04 3.95 17.11
N ARG B 226 -35.06 3.84 18.01
CA ARG B 226 -35.05 2.80 19.10
C ARG B 226 -35.80 3.32 20.34
N ARG B 227 -36.48 4.45 20.17
CA ARG B 227 -37.30 5.05 21.26
C ARG B 227 -38.77 5.01 20.83
N SER B 228 -39.10 4.14 19.88
CA SER B 228 -40.50 4.03 19.39
C SER B 228 -41.02 2.62 19.64
N PRO B 229 -42.27 2.30 19.26
CA PRO B 229 -42.76 0.92 19.39
C PRO B 229 -43.69 0.51 18.25
N VAL B 235 -34.91 -4.60 17.32
CA VAL B 235 -33.67 -3.88 16.89
C VAL B 235 -32.83 -3.47 18.12
N SER B 236 -31.83 -4.28 18.45
CA SER B 236 -30.80 -4.02 19.49
C SER B 236 -29.75 -3.02 19.00
N ASP B 237 -28.92 -2.58 19.93
CA ASP B 237 -27.75 -1.71 19.67
C ASP B 237 -26.80 -2.38 18.68
N GLU B 238 -26.56 -3.68 18.84
CA GLU B 238 -25.60 -4.46 18.00
C GLU B 238 -26.08 -4.43 16.53
N LEU B 239 -27.36 -4.63 16.26
CA LEU B 239 -27.86 -4.64 14.85
C LEU B 239 -27.76 -3.22 14.27
N LEU B 240 -28.05 -2.19 15.07
CA LEU B 240 -27.94 -0.77 14.63
C LEU B 240 -26.51 -0.50 14.19
N ALA B 241 -25.56 -0.72 15.09
CA ALA B 241 -24.11 -0.58 14.83
C ALA B 241 -23.71 -1.40 13.59
N THR B 242 -24.17 -2.66 13.51
CA THR B 242 -23.90 -3.61 12.40
C THR B 242 -24.27 -2.91 11.09
N VAL B 243 -25.51 -2.40 10.97
CA VAL B 243 -25.98 -1.72 9.73
C VAL B 243 -25.07 -0.50 9.45
N ALA B 244 -24.84 0.33 10.46
CA ALA B 244 -23.97 1.50 10.32
C ALA B 244 -22.62 1.03 9.75
N LEU B 245 -21.96 0.09 10.43
CA LEU B 245 -20.56 -0.32 10.10
C LEU B 245 -20.52 -0.94 8.72
N SER B 246 -21.51 -1.78 8.38
CA SER B 246 -21.52 -2.51 7.10
C SER B 246 -21.80 -1.54 5.95
N LEU B 247 -22.58 -0.47 6.17
CA LEU B 247 -22.89 0.52 5.08
C LEU B 247 -21.65 1.38 4.84
N PHE B 248 -20.99 1.81 5.90
CA PHE B 248 -19.75 2.63 5.87
C PHE B 248 -18.64 1.91 5.12
N GLY B 249 -18.32 0.67 5.47
CA GLY B 249 -17.22 -0.07 4.84
C GLY B 249 -17.54 -0.41 3.40
N ALA B 250 -18.78 -0.80 3.11
CA ALA B 250 -19.20 -1.15 1.74
C ALA B 250 -19.15 0.12 0.87
N GLY B 251 -19.64 1.23 1.41
CA GLY B 251 -19.70 2.48 0.65
C GLY B 251 -18.31 3.06 0.43
N ALA B 252 -17.58 3.32 1.51
CA ALA B 252 -16.20 3.84 1.46
C ALA B 252 -15.30 2.99 0.53
N VAL B 253 -15.25 1.67 0.70
CA VAL B 253 -14.28 0.85 -0.09
C VAL B 253 -14.64 0.99 -1.57
N SER B 254 -15.93 1.02 -1.91
CA SER B 254 -16.47 0.92 -3.29
C SER B 254 -16.28 2.26 -4.03
N THR B 255 -16.46 3.36 -3.33
CA THR B 255 -16.39 4.74 -3.86
C THR B 255 -14.91 5.11 -4.05
N SER B 256 -14.08 4.93 -3.04
CA SER B 256 -12.63 5.19 -3.17
C SER B 256 -12.05 4.37 -4.33
N ALA B 257 -12.32 3.07 -4.39
CA ALA B 257 -11.79 2.19 -5.46
C ALA B 257 -12.29 2.69 -6.82
N PHE B 258 -13.57 2.88 -7.01
CA PHE B 258 -14.07 3.36 -8.32
C PHE B 258 -13.36 4.66 -8.70
N LEU B 259 -13.29 5.62 -7.78
CA LEU B 259 -12.75 6.97 -8.08
C LEU B 259 -11.28 6.89 -8.52
N GLN B 260 -10.49 6.03 -7.86
CA GLN B 260 -9.08 5.76 -8.23
C GLN B 260 -8.98 5.32 -9.70
N HIS B 261 -9.80 4.35 -10.17
CA HIS B 261 -9.82 3.88 -11.59
C HIS B 261 -10.35 4.99 -12.48
N ALA B 262 -11.36 5.75 -12.02
CA ALA B 262 -11.86 6.88 -12.84
C ALA B 262 -10.70 7.85 -13.03
N ILE B 263 -9.93 8.12 -11.96
CA ILE B 263 -8.75 9.04 -12.02
C ILE B 263 -7.70 8.50 -13.00
N ILE B 264 -7.39 7.19 -12.96
CA ILE B 264 -6.43 6.60 -13.94
C ILE B 264 -6.92 6.83 -15.40
N ALA B 265 -8.23 6.66 -15.65
CA ALA B 265 -8.81 6.91 -16.99
C ALA B 265 -8.54 8.35 -17.43
N LEU B 266 -8.82 9.35 -16.60
CA LEU B 266 -8.64 10.78 -16.98
C LEU B 266 -7.15 11.11 -17.14
N ALA B 267 -6.25 10.48 -16.37
CA ALA B 267 -4.80 10.77 -16.40
C ALA B 267 -4.16 10.25 -17.68
N GLN B 268 -4.53 9.02 -18.06
CA GLN B 268 -4.06 8.30 -19.26
C GLN B 268 -4.73 8.82 -20.55
N GLN B 269 -5.93 9.37 -20.40
CA GLN B 269 -6.74 9.83 -21.55
C GLN B 269 -7.18 11.27 -21.29
N PRO B 270 -6.23 12.23 -21.32
CA PRO B 270 -6.56 13.61 -20.99
C PRO B 270 -7.64 14.22 -21.93
N GLU B 271 -7.92 13.62 -23.10
CA GLU B 271 -8.99 14.13 -23.99
C GLU B 271 -10.30 14.12 -23.19
N LEU B 272 -10.41 13.19 -22.25
CA LEU B 272 -11.64 12.99 -21.43
C LEU B 272 -11.80 14.16 -20.46
N ALA B 273 -10.72 14.62 -19.85
CA ALA B 273 -10.77 15.75 -18.90
C ALA B 273 -11.00 17.03 -19.67
N ASP B 274 -10.59 17.06 -20.93
CA ASP B 274 -10.83 18.25 -21.79
C ASP B 274 -12.33 18.33 -22.07
N ARG B 275 -12.94 17.21 -22.45
CA ARG B 275 -14.41 17.19 -22.70
C ARG B 275 -15.10 17.67 -21.42
N LEU B 276 -14.72 17.09 -20.29
CA LEU B 276 -15.34 17.49 -19.01
C LEU B 276 -15.27 19.02 -18.88
N ARG B 277 -14.09 19.60 -18.91
CA ARG B 277 -13.96 21.06 -18.72
C ARG B 277 -14.82 21.80 -19.76
N ALA B 278 -14.77 21.39 -21.02
CA ALA B 278 -15.52 22.04 -22.12
C ALA B 278 -17.04 21.90 -21.91
N GLU B 279 -17.53 20.81 -21.32
CA GLU B 279 -18.97 20.48 -21.30
C GLU B 279 -19.31 19.81 -19.99
N PRO B 280 -19.26 20.53 -18.83
CA PRO B 280 -19.51 19.92 -17.52
C PRO B 280 -20.79 19.09 -17.30
N ALA B 281 -21.87 19.33 -18.06
CA ALA B 281 -23.18 18.64 -17.94
C ALA B 281 -23.07 17.19 -18.42
N VAL B 282 -22.07 16.84 -19.23
CA VAL B 282 -21.87 15.44 -19.71
C VAL B 282 -21.24 14.56 -18.60
N ILE B 283 -20.92 15.14 -17.42
CA ILE B 283 -20.29 14.37 -16.29
C ILE B 283 -21.16 13.15 -15.93
N GLY B 284 -22.49 13.29 -15.86
CA GLY B 284 -23.42 12.17 -15.66
C GLY B 284 -23.11 11.00 -16.58
N ARG B 285 -23.33 11.18 -17.88
CA ARG B 285 -23.09 10.13 -18.91
C ARG B 285 -21.65 9.62 -18.77
N ALA B 286 -20.70 10.53 -18.48
CA ALA B 286 -19.25 10.23 -18.37
C ALA B 286 -19.00 9.21 -17.25
N VAL B 287 -19.53 9.47 -16.07
CA VAL B 287 -19.36 8.58 -14.88
C VAL B 287 -19.99 7.22 -15.21
N ASP B 288 -21.07 7.21 -15.98
CA ASP B 288 -21.83 6.00 -16.33
C ASP B 288 -20.92 5.14 -17.21
N GLU B 289 -20.11 5.76 -18.06
CA GLU B 289 -19.19 5.05 -18.96
C GLU B 289 -18.00 4.59 -18.13
N LEU B 290 -17.49 5.44 -17.25
CA LEU B 290 -16.36 5.06 -16.36
C LEU B 290 -16.82 3.89 -15.50
N LEU B 291 -18.09 3.87 -15.11
CA LEU B 291 -18.62 2.75 -14.30
C LEU B 291 -18.58 1.47 -15.17
N ARG B 292 -19.11 1.51 -16.38
CA ARG B 292 -19.01 0.36 -17.29
C ARG B 292 -17.57 -0.16 -17.36
N TYR B 293 -16.61 0.75 -17.54
CA TYR B 293 -15.19 0.45 -17.84
C TYR B 293 -14.35 0.08 -16.61
N ASN B 294 -14.79 0.46 -15.42
CA ASN B 294 -13.93 0.43 -14.21
C ASN B 294 -13.74 -1.03 -13.79
N LEU B 295 -12.54 -1.31 -13.30
CA LEU B 295 -12.06 -2.65 -12.96
C LEU B 295 -11.85 -2.76 -11.46
N SER B 296 -12.63 -2.00 -10.66
CA SER B 296 -12.43 -1.85 -9.19
C SER B 296 -12.82 -3.14 -8.48
N ILE B 297 -13.84 -3.83 -8.97
CA ILE B 297 -14.28 -5.16 -8.44
C ILE B 297 -13.17 -6.20 -8.70
N GLY B 298 -12.52 -6.71 -7.62
CA GLY B 298 -11.36 -7.62 -7.69
C GLY B 298 -11.75 -9.08 -7.67
N ASP B 299 -13.06 -9.32 -7.59
CA ASP B 299 -13.61 -10.70 -7.48
C ASP B 299 -14.88 -10.75 -8.30
N ALA B 300 -15.70 -11.76 -8.07
CA ALA B 300 -16.99 -11.90 -8.75
C ALA B 300 -18.16 -11.73 -7.78
N LEU B 301 -19.34 -11.37 -8.27
CA LEU B 301 -20.54 -11.38 -7.43
C LEU B 301 -20.89 -12.83 -7.19
N PRO B 302 -20.94 -13.33 -5.92
CA PRO B 302 -21.20 -14.73 -5.65
C PRO B 302 -22.67 -15.10 -5.39
N ARG B 303 -23.05 -16.31 -5.81
CA ARG B 303 -24.41 -16.87 -5.55
C ARG B 303 -24.27 -18.37 -5.36
N ILE B 304 -25.08 -18.95 -4.47
CA ILE B 304 -25.27 -20.43 -4.36
C ILE B 304 -26.53 -20.80 -5.13
N ALA B 305 -26.41 -21.75 -6.06
CA ALA B 305 -27.58 -22.35 -6.73
C ALA B 305 -28.45 -23.08 -5.69
N LEU B 306 -29.70 -22.65 -5.56
CA LEU B 306 -30.77 -23.26 -4.74
C LEU B 306 -31.49 -24.36 -5.55
N ALA B 307 -31.28 -24.41 -6.86
CA ALA B 307 -31.86 -25.48 -7.70
C ALA B 307 -30.88 -25.77 -8.83
N ASP B 308 -31.02 -26.93 -9.47
CA ASP B 308 -30.37 -27.22 -10.77
C ASP B 308 -30.87 -26.18 -11.78
N VAL B 309 -29.97 -25.53 -12.50
CA VAL B 309 -30.32 -24.51 -13.54
C VAL B 309 -29.45 -24.72 -14.76
N ARG B 310 -30.08 -24.64 -15.92
CA ARG B 310 -29.39 -24.63 -17.24
C ARG B 310 -29.02 -23.17 -17.51
N LEU B 311 -27.74 -22.86 -17.43
CA LEU B 311 -27.22 -21.50 -17.68
C LEU B 311 -26.24 -21.61 -18.83
N GLY B 312 -26.62 -21.05 -19.98
CA GLY B 312 -25.93 -21.27 -21.26
C GLY B 312 -25.91 -22.74 -21.61
N GLU B 313 -24.72 -23.29 -21.75
CA GLU B 313 -24.51 -24.69 -22.19
C GLU B 313 -24.09 -25.55 -21.00
N VAL B 314 -24.24 -25.05 -19.78
CA VAL B 314 -23.77 -25.76 -18.53
C VAL B 314 -24.97 -26.05 -17.62
N GLU B 315 -24.93 -27.20 -16.99
CA GLU B 315 -25.92 -27.68 -16.00
C GLU B 315 -25.30 -27.41 -14.63
N ILE B 316 -25.85 -26.46 -13.91
CA ILE B 316 -25.37 -26.01 -12.59
C ILE B 316 -26.27 -26.70 -11.57
N ARG B 317 -25.65 -27.47 -10.68
CA ARG B 317 -26.33 -28.30 -9.67
C ARG B 317 -26.60 -27.42 -8.45
N ALA B 318 -27.72 -27.61 -7.78
CA ALA B 318 -28.06 -27.00 -6.47
C ALA B 318 -26.85 -27.16 -5.54
N GLY B 319 -26.53 -26.12 -4.77
CA GLY B 319 -25.41 -26.13 -3.80
C GLY B 319 -24.09 -25.64 -4.41
N GLU B 320 -23.99 -25.54 -5.73
CA GLU B 320 -22.77 -25.05 -6.41
C GLU B 320 -22.64 -23.51 -6.30
N LEU B 321 -21.40 -23.04 -6.37
CA LEU B 321 -21.06 -21.61 -6.28
C LEU B 321 -20.98 -21.09 -7.70
N VAL B 322 -21.68 -19.97 -7.94
CA VAL B 322 -21.71 -19.24 -9.23
C VAL B 322 -21.12 -17.86 -8.98
N LEU B 323 -20.21 -17.45 -9.84
CA LEU B 323 -19.37 -16.23 -9.71
C LEU B 323 -19.59 -15.40 -10.94
N VAL B 324 -20.04 -14.18 -10.74
CA VAL B 324 -20.35 -13.25 -11.88
C VAL B 324 -19.18 -12.30 -12.08
N LEU B 325 -18.62 -12.35 -13.28
CA LEU B 325 -17.47 -11.54 -13.74
C LEU B 325 -18.02 -10.28 -14.41
N ILE B 326 -18.29 -9.28 -13.58
CA ILE B 326 -18.75 -7.94 -14.02
C ILE B 326 -17.94 -7.43 -15.21
N GLU B 327 -16.61 -7.49 -15.15
CA GLU B 327 -15.74 -6.93 -16.23
C GLU B 327 -15.91 -7.76 -17.51
N GLY B 328 -16.19 -9.05 -17.36
CA GLY B 328 -16.57 -9.90 -18.49
C GLY B 328 -17.77 -9.32 -19.22
N ALA B 329 -18.82 -9.02 -18.46
CA ALA B 329 -20.14 -8.61 -18.99
C ALA B 329 -20.07 -7.17 -19.52
N ASN B 330 -19.41 -6.30 -18.78
CA ASN B 330 -19.34 -4.87 -19.14
C ASN B 330 -18.37 -4.67 -20.31
N TYR B 331 -17.57 -5.67 -20.69
CA TYR B 331 -16.67 -5.55 -21.88
C TYR B 331 -17.16 -6.46 -23.02
N ASP B 332 -18.38 -6.99 -22.92
CA ASP B 332 -18.93 -7.95 -23.92
C ASP B 332 -19.26 -7.18 -25.21
N PRO B 333 -18.54 -7.45 -26.31
CA PRO B 333 -18.82 -6.81 -27.60
C PRO B 333 -20.18 -7.15 -28.20
N ALA B 334 -20.92 -8.10 -27.63
CA ALA B 334 -22.30 -8.46 -28.01
C ALA B 334 -23.26 -7.33 -27.63
N VAL B 335 -22.92 -6.57 -26.61
CA VAL B 335 -23.81 -5.51 -26.09
C VAL B 335 -23.12 -4.16 -26.25
N PHE B 336 -21.83 -4.07 -25.94
CA PHE B 336 -21.08 -2.78 -25.98
C PHE B 336 -20.16 -2.72 -27.21
N PRO B 337 -20.51 -1.94 -28.26
CA PRO B 337 -19.60 -1.73 -29.39
C PRO B 337 -18.28 -1.14 -28.87
N HIS B 338 -17.15 -1.56 -29.47
CA HIS B 338 -15.76 -1.15 -29.12
C HIS B 338 -15.61 -1.11 -27.61
N PRO B 339 -15.88 -2.22 -26.92
CA PRO B 339 -16.00 -2.15 -25.46
C PRO B 339 -14.72 -1.70 -24.75
N GLU B 340 -13.55 -1.93 -25.36
CA GLU B 340 -12.18 -1.65 -24.81
C GLU B 340 -11.86 -0.13 -24.82
N ARG B 341 -12.68 0.66 -25.51
CA ARG B 341 -12.44 2.12 -25.69
C ARG B 341 -13.47 2.92 -24.88
N ILE B 342 -13.03 3.78 -23.97
CA ILE B 342 -13.90 4.74 -23.24
C ILE B 342 -14.58 5.65 -24.26
N ASP B 343 -15.91 5.80 -24.14
CA ASP B 343 -16.80 6.55 -25.07
C ASP B 343 -17.95 7.19 -24.27
N PHE B 344 -17.92 8.51 -24.19
CA PHE B 344 -18.87 9.32 -23.38
C PHE B 344 -20.13 9.62 -24.19
N ASP B 345 -20.26 9.06 -25.39
CA ASP B 345 -21.36 9.41 -26.32
C ASP B 345 -22.07 8.12 -26.76
N ARG B 346 -22.08 7.08 -25.93
CA ARG B 346 -22.84 5.83 -26.21
C ARG B 346 -24.34 6.18 -26.16
N GLU B 347 -25.09 5.83 -27.20
CA GLU B 347 -26.56 6.00 -27.27
C GLU B 347 -27.18 5.29 -26.08
N SER B 348 -26.68 4.09 -25.78
CA SER B 348 -27.15 3.16 -24.71
C SER B 348 -25.98 2.67 -23.84
N ASN B 349 -26.20 2.43 -22.54
CA ASN B 349 -25.16 1.88 -21.63
C ASN B 349 -25.74 1.02 -20.48
N PRO B 350 -26.28 -0.17 -20.82
CA PRO B 350 -26.96 -1.03 -19.85
C PRO B 350 -25.95 -1.87 -19.06
N HIS B 351 -24.99 -1.22 -18.42
CA HIS B 351 -23.85 -1.91 -17.77
C HIS B 351 -24.27 -2.51 -16.44
N LEU B 352 -23.44 -3.45 -15.95
CA LEU B 352 -23.63 -4.19 -14.67
C LEU B 352 -22.72 -3.67 -13.51
N ALA B 353 -22.08 -2.51 -13.61
CA ALA B 353 -21.14 -2.01 -12.57
C ALA B 353 -21.76 -1.98 -11.17
N PHE B 354 -23.08 -1.86 -11.09
CA PHE B 354 -23.89 -1.78 -9.84
C PHE B 354 -24.61 -3.11 -9.64
N GLY B 355 -24.27 -4.13 -10.45
CA GLY B 355 -24.91 -5.44 -10.42
C GLY B 355 -26.24 -5.40 -11.14
N GLY B 356 -27.19 -6.20 -10.68
CA GLY B 356 -28.48 -6.35 -11.37
C GLY B 356 -29.48 -7.14 -10.54
N GLY B 357 -30.72 -7.21 -11.00
CA GLY B 357 -31.81 -7.89 -10.27
C GLY B 357 -31.95 -7.40 -8.84
N GLN B 358 -32.30 -8.27 -7.90
CA GLN B 358 -32.80 -7.86 -6.55
C GLN B 358 -31.65 -7.24 -5.74
N HIS B 359 -30.37 -7.57 -5.99
CA HIS B 359 -29.25 -7.03 -5.17
C HIS B 359 -28.56 -5.86 -5.89
N PHE B 360 -29.23 -5.23 -6.85
CA PHE B 360 -28.74 -4.01 -7.53
C PHE B 360 -28.38 -2.99 -6.45
N CYS B 361 -27.23 -2.35 -6.58
CA CYS B 361 -26.69 -1.48 -5.49
C CYS B 361 -27.79 -0.48 -5.11
N PRO B 362 -28.17 -0.40 -3.83
CA PRO B 362 -29.21 0.53 -3.40
C PRO B 362 -28.70 1.98 -3.24
N ALA B 363 -27.41 2.19 -3.45
CA ALA B 363 -26.69 3.46 -3.25
C ALA B 363 -26.18 3.97 -4.60
N SER B 364 -26.71 3.47 -5.71
CA SER B 364 -26.22 3.79 -7.07
C SER B 364 -26.24 5.31 -7.23
N ALA B 365 -27.36 5.99 -6.97
CA ALA B 365 -27.45 7.45 -7.12
C ALA B 365 -26.31 8.15 -6.35
N LEU B 366 -26.01 7.68 -5.16
CA LEU B 366 -25.01 8.26 -4.23
C LEU B 366 -23.60 8.01 -4.74
N GLY B 367 -23.38 6.82 -5.32
CA GLY B 367 -22.12 6.43 -5.98
C GLY B 367 -21.80 7.39 -7.08
N ARG B 368 -22.79 7.66 -7.94
CA ARG B 368 -22.73 8.60 -9.09
C ARG B 368 -22.37 10.00 -8.59
N THR B 369 -23.20 10.54 -7.69
CA THR B 369 -23.04 11.89 -7.10
C THR B 369 -21.61 12.01 -6.55
N HIS B 370 -21.17 11.05 -5.75
CA HIS B 370 -19.80 11.00 -5.19
C HIS B 370 -18.80 11.23 -6.33
N ALA B 371 -18.88 10.44 -7.40
CA ALA B 371 -17.85 10.37 -8.47
C ALA B 371 -17.96 11.61 -9.34
N GLU B 372 -19.18 11.92 -9.78
CA GLU B 372 -19.46 13.15 -10.57
C GLU B 372 -18.78 14.36 -9.88
N ILE B 373 -18.94 14.52 -8.56
CA ILE B 373 -18.48 15.78 -7.90
C ILE B 373 -16.95 15.76 -7.79
N ALA B 374 -16.38 14.62 -7.39
CA ALA B 374 -14.93 14.47 -7.21
C ALA B 374 -14.26 14.70 -8.56
N LEU B 375 -14.85 14.18 -9.64
CA LEU B 375 -14.21 14.22 -10.99
C LEU B 375 -14.33 15.60 -11.59
N THR B 376 -15.48 16.25 -11.43
CA THR B 376 -15.68 17.67 -11.78
C THR B 376 -14.62 18.54 -11.09
N ALA B 377 -14.42 18.36 -9.80
CA ALA B 377 -13.49 19.20 -9.03
C ALA B 377 -12.08 18.96 -9.53
N LEU B 378 -11.75 17.70 -9.81
CA LEU B 378 -10.36 17.30 -10.15
C LEU B 378 -9.95 17.91 -11.49
N VAL B 379 -10.82 17.92 -12.51
CA VAL B 379 -10.43 18.40 -13.86
C VAL B 379 -10.37 19.92 -13.85
N GLU B 380 -11.14 20.56 -12.97
CA GLU B 380 -11.05 22.04 -12.78
C GLU B 380 -9.80 22.39 -11.98
N LYS B 381 -9.44 21.62 -10.95
CA LYS B 381 -8.30 22.00 -10.09
C LYS B 381 -6.95 21.51 -10.67
N LEU B 382 -6.90 20.43 -11.45
CA LEU B 382 -5.61 19.87 -11.96
C LEU B 382 -5.74 19.63 -13.45
N PRO B 383 -5.85 20.69 -14.27
CA PRO B 383 -6.09 20.49 -15.69
C PRO B 383 -4.92 19.78 -16.40
N ALA B 384 -3.71 19.71 -15.83
CA ALA B 384 -2.56 18.99 -16.45
C ALA B 384 -2.30 17.64 -15.73
N LEU B 385 -3.34 17.11 -15.08
CA LEU B 385 -3.33 15.79 -14.41
C LEU B 385 -2.74 14.72 -15.33
N ARG B 386 -1.71 14.01 -14.84
CA ARG B 386 -1.11 12.83 -15.50
C ARG B 386 -0.44 11.93 -14.45
N LEU B 387 -0.29 10.64 -14.75
CA LEU B 387 0.50 9.73 -13.89
C LEU B 387 1.93 10.25 -13.78
N ALA B 388 2.54 10.14 -12.60
CA ALA B 388 3.93 10.57 -12.39
C ALA B 388 4.91 9.58 -13.03
N LEU B 389 4.42 8.41 -13.43
CA LEU B 389 5.28 7.33 -13.97
C LEU B 389 4.42 6.46 -14.87
N PRO B 390 5.01 5.55 -15.67
CA PRO B 390 4.23 4.71 -16.57
C PRO B 390 3.23 3.92 -15.74
N VAL B 391 2.03 3.70 -16.30
CA VAL B 391 0.87 2.98 -15.68
C VAL B 391 1.25 1.52 -15.37
N GLU B 392 2.13 0.91 -16.16
CA GLU B 392 2.64 -0.49 -15.98
C GLU B 392 3.32 -0.65 -14.61
N GLN B 393 3.81 0.43 -14.02
CA GLN B 393 4.65 0.40 -12.79
C GLN B 393 3.85 0.73 -11.52
N LEU B 394 2.58 1.09 -11.63
CA LEU B 394 1.67 1.14 -10.45
C LEU B 394 1.74 -0.21 -9.71
N ALA B 395 1.75 -0.14 -8.37
CA ALA B 395 1.56 -1.31 -7.49
C ALA B 395 0.04 -1.54 -7.30
N TRP B 396 -0.44 -2.65 -7.86
CA TRP B 396 -1.80 -3.18 -7.68
C TRP B 396 -1.84 -4.01 -6.42
N ARG B 397 -2.77 -3.65 -5.53
CA ARG B 397 -3.07 -4.35 -4.25
C ARG B 397 -3.50 -5.79 -4.53
N PRO B 398 -2.81 -6.78 -3.89
CA PRO B 398 -3.25 -8.17 -3.93
C PRO B 398 -4.21 -8.52 -2.78
N GLY B 399 -4.87 -9.68 -2.88
CA GLY B 399 -5.58 -10.30 -1.75
C GLY B 399 -6.65 -9.36 -1.21
N PHE B 400 -7.23 -8.53 -2.10
CA PHE B 400 -8.31 -7.59 -1.71
C PHE B 400 -9.52 -7.76 -2.63
N ILE B 401 -10.70 -7.44 -2.10
CA ILE B 401 -12.02 -7.50 -2.81
C ILE B 401 -12.04 -6.51 -3.97
N LYS B 402 -11.36 -5.38 -3.82
CA LYS B 402 -11.17 -4.35 -4.89
C LYS B 402 -9.76 -4.46 -5.51
N ARG B 403 -9.69 -4.33 -6.83
CA ARG B 403 -8.44 -3.86 -7.49
C ARG B 403 -8.25 -2.39 -7.17
N LEU B 404 -7.05 -2.00 -6.79
CA LEU B 404 -6.69 -0.57 -6.64
C LEU B 404 -5.19 -0.41 -6.57
N PRO B 405 -4.68 0.75 -7.01
CA PRO B 405 -3.27 1.11 -6.85
C PRO B 405 -2.98 1.41 -5.38
N GLU B 406 -1.94 0.84 -4.79
CA GLU B 406 -1.55 1.07 -3.36
C GLU B 406 -1.25 2.57 -3.20
N ARG B 407 -0.65 3.17 -4.23
CA ARG B 407 -0.37 4.62 -4.39
C ARG B 407 -0.73 5.02 -5.82
N LEU B 408 -1.31 6.21 -5.97
CA LEU B 408 -1.76 6.76 -7.29
C LEU B 408 -1.02 8.07 -7.50
N PRO B 409 0.30 8.00 -7.75
CA PRO B 409 1.13 9.20 -7.86
C PRO B 409 0.86 9.90 -9.19
N VAL B 410 0.53 11.19 -9.10
CA VAL B 410 0.20 12.02 -10.28
C VAL B 410 1.04 13.30 -10.24
N LEU B 411 1.09 14.00 -11.39
CA LEU B 411 1.80 15.30 -11.49
C LEU B 411 0.81 16.32 -12.07
N TRP B 412 1.07 17.61 -11.90
CA TRP B 412 0.20 18.66 -12.49
C TRP B 412 0.95 20.00 -12.55
#